data_4MKO
#
_entry.id   4MKO
#
_cell.length_a   64.844
_cell.length_b   117.649
_cell.length_c   150.584
_cell.angle_alpha   90.00
_cell.angle_beta   90.00
_cell.angle_gamma   90.00
#
_symmetry.space_group_name_H-M   'P 21 21 21'
#
loop_
_entity.id
_entity.type
_entity.pdbx_description
1 polymer Monalysin
2 non-polymer 'MERCURY (II) ION'
3 non-polymer 'ZINC ION'
4 non-polymer 'ACETATE ION'
5 water water
#
_entity_poly.entity_id   1
_entity_poly.type   'polypeptide(L)'
_entity_poly.pdbx_seq_one_letter_code
;SGRFDQYPTKKGDFAIDGYLLDYSSPKQGCWVDGITVYGDIYIGKQNWGTYTRPVFAYLQYVETISIPQNVTTTLSYQLT
KGHTRSFETSVNAKYSVGANIDIVNVGSEISTGFTRSESWSTTQSFTDTTEMKGPGTFVIYQVVLVYAHNATSAGRQNAN
AFAYSKTQAVGSRVDLYYLSAITQRKRVIVPSSNAVTPLDWDTVQRNVLMENYNPGSNSGHFSFDWSAYNDPHRRY
;
_entity_poly.pdbx_strand_id   A,B,C,D
#
loop_
_chem_comp.id
_chem_comp.type
_chem_comp.name
_chem_comp.formula
ACT non-polymer 'ACETATE ION' 'C2 H3 O2 -1'
HG non-polymer 'MERCURY (II) ION' 'Hg 2'
ZN non-polymer 'ZINC ION' 'Zn 2'
#
# COMPACT_ATOMS: atom_id res chain seq x y z
N SER A 1 -4.17 32.88 -23.34
CA SER A 1 -5.45 32.20 -23.11
C SER A 1 -5.78 32.04 -21.63
N GLY A 2 -4.81 31.56 -20.83
CA GLY A 2 -4.96 31.31 -19.39
C GLY A 2 -6.20 30.48 -19.14
N ARG A 3 -7.16 31.01 -18.36
CA ARG A 3 -8.45 30.38 -18.09
C ARG A 3 -8.34 28.85 -17.96
N PHE A 4 -7.69 28.40 -16.87
CA PHE A 4 -7.48 26.98 -16.63
C PHE A 4 -8.79 26.23 -16.33
N ASP A 5 -9.91 26.99 -16.17
CA ASP A 5 -11.26 26.43 -16.01
CA ASP A 5 -11.25 26.41 -16.01
C ASP A 5 -11.66 25.65 -17.28
N GLN A 6 -10.99 25.92 -18.42
CA GLN A 6 -11.28 25.24 -19.69
C GLN A 6 -10.85 23.78 -19.68
N TYR A 7 -9.86 23.42 -18.81
CA TYR A 7 -9.33 22.06 -18.84
C TYR A 7 -10.17 21.10 -18.00
N PRO A 8 -10.36 19.85 -18.49
CA PRO A 8 -11.17 18.88 -17.73
C PRO A 8 -10.36 18.30 -16.56
N THR A 9 -11.01 17.48 -15.72
CA THR A 9 -10.39 16.81 -14.59
C THR A 9 -10.36 15.30 -14.88
N LYS A 10 -9.21 14.66 -14.68
CA LYS A 10 -9.02 13.23 -14.98
C LYS A 10 -8.48 12.51 -13.78
N LYS A 11 -8.93 11.27 -13.56
CA LYS A 11 -8.46 10.46 -12.44
C LYS A 11 -7.76 9.21 -12.97
N GLY A 12 -6.45 9.14 -12.80
CA GLY A 12 -5.63 7.99 -13.18
C GLY A 12 -5.17 7.98 -14.62
N ASP A 13 -4.20 7.12 -14.92
CA ASP A 13 -3.60 6.97 -16.25
C ASP A 13 -4.58 6.57 -17.33
N PHE A 14 -5.57 5.71 -17.03
CA PHE A 14 -6.54 5.34 -18.09
C PHE A 14 -7.31 6.59 -18.54
N ALA A 15 -7.71 7.46 -17.58
CA ALA A 15 -8.43 8.72 -17.89
C ALA A 15 -7.54 9.74 -18.62
N ILE A 16 -6.26 9.90 -18.22
CA ILE A 16 -5.33 10.79 -18.92
C ILE A 16 -5.10 10.29 -20.36
N ASP A 17 -4.98 8.97 -20.54
CA ASP A 17 -4.85 8.37 -21.87
C ASP A 17 -6.11 8.67 -22.69
N GLY A 18 -7.28 8.60 -22.07
CA GLY A 18 -8.55 8.90 -22.74
C GLY A 18 -8.52 10.32 -23.29
N TYR A 19 -8.03 11.25 -22.48
CA TYR A 19 -7.89 12.66 -22.86
C TYR A 19 -6.91 12.82 -24.04
N LEU A 20 -5.73 12.19 -23.95
CA LEU A 20 -4.72 12.34 -25.00
C LEU A 20 -5.03 11.59 -26.28
N LEU A 21 -5.82 10.50 -26.20
CA LEU A 21 -6.15 9.66 -27.37
C LEU A 21 -7.38 10.18 -28.11
N ASP A 22 -7.94 11.29 -27.61
CA ASP A 22 -9.06 11.96 -28.25
C ASP A 22 -8.43 13.05 -29.14
N TYR A 23 -8.27 12.72 -30.42
CA TYR A 23 -7.66 13.60 -31.39
C TYR A 23 -8.65 14.51 -32.08
N SER A 24 -9.90 14.58 -31.58
CA SER A 24 -10.93 15.46 -32.17
C SER A 24 -10.58 16.96 -32.07
N SER A 25 -9.79 17.34 -31.05
CA SER A 25 -9.34 18.72 -30.85
CA SER A 25 -9.35 18.72 -30.83
C SER A 25 -7.95 18.73 -30.19
N PRO A 26 -7.10 19.80 -30.38
CA PRO A 26 -5.78 19.80 -29.74
C PRO A 26 -5.87 19.80 -28.21
N LYS A 27 -4.95 19.07 -27.56
CA LYS A 27 -4.95 18.93 -26.10
C LYS A 27 -3.70 19.56 -25.50
N GLN A 28 -3.84 20.27 -24.37
CA GLN A 28 -2.70 20.91 -23.70
C GLN A 28 -2.46 20.29 -22.32
N GLY A 29 -3.53 20.01 -21.60
CA GLY A 29 -3.40 19.51 -20.24
C GLY A 29 -4.71 19.32 -19.51
N CYS A 30 -4.63 18.73 -18.33
CA CYS A 30 -5.82 18.43 -17.55
C CYS A 30 -5.52 18.56 -16.06
N TRP A 31 -6.56 18.87 -15.28
CA TRP A 31 -6.48 18.84 -13.82
C TRP A 31 -6.49 17.36 -13.48
N VAL A 32 -5.78 16.97 -12.43
CA VAL A 32 -5.68 15.57 -12.03
C VAL A 32 -6.33 15.40 -10.65
N ASP A 33 -7.25 14.43 -10.53
CA ASP A 33 -7.90 14.08 -9.27
C ASP A 33 -7.03 12.97 -8.67
N GLY A 34 -6.23 13.35 -7.69
CA GLY A 34 -5.32 12.42 -7.04
C GLY A 34 -5.41 12.50 -5.53
N ILE A 35 -4.82 11.52 -4.83
CA ILE A 35 -4.84 11.47 -3.36
C ILE A 35 -3.79 12.38 -2.74
N THR A 36 -3.97 12.68 -1.45
CA THR A 36 -2.98 13.41 -0.69
C THR A 36 -2.20 12.40 0.17
N VAL A 37 -0.89 12.56 0.23
CA VAL A 37 0.01 11.75 1.08
C VAL A 37 0.78 12.70 1.99
N TYR A 38 1.46 12.15 3.02
CA TYR A 38 2.20 12.98 3.97
C TYR A 38 3.55 12.33 4.26
N GLY A 39 4.60 13.12 4.20
CA GLY A 39 5.94 12.66 4.48
C GLY A 39 6.96 13.74 4.27
N ASP A 40 8.24 13.40 4.49
CA ASP A 40 9.33 14.33 4.36
C ASP A 40 9.65 14.79 2.95
N ILE A 41 10.00 16.08 2.83
CA ILE A 41 10.57 16.71 1.65
C ILE A 41 11.64 17.64 2.20
N TYR A 42 12.85 17.55 1.63
CA TYR A 42 13.97 18.36 2.03
C TYR A 42 13.93 19.68 1.27
N ILE A 43 13.84 20.80 2.00
CA ILE A 43 13.81 22.14 1.40
C ILE A 43 14.74 23.01 2.24
N GLY A 44 15.72 23.59 1.58
CA GLY A 44 16.66 24.52 2.17
C GLY A 44 17.74 23.89 3.01
N LYS A 45 17.47 23.72 4.30
CA LYS A 45 18.45 23.17 5.25
C LYS A 45 17.96 21.92 6.00
N GLN A 46 16.71 21.47 5.79
CA GLN A 46 16.15 20.33 6.50
C GLN A 46 14.94 19.67 5.83
N ASN A 47 14.49 18.53 6.40
CA ASN A 47 13.27 17.84 6.02
C ASN A 47 12.09 18.53 6.67
N TRP A 48 11.00 18.63 5.94
CA TRP A 48 9.75 19.19 6.44
C TRP A 48 8.66 18.17 6.20
N GLY A 49 7.75 18.06 7.16
CA GLY A 49 6.57 17.21 7.06
C GLY A 49 5.67 17.85 6.03
N THR A 50 5.48 17.18 4.89
CA THR A 50 4.80 17.76 3.73
C THR A 50 3.60 16.99 3.23
N TYR A 51 2.49 17.68 2.93
CA TYR A 51 1.34 17.07 2.30
C TYR A 51 1.57 17.24 0.80
N THR A 52 1.38 16.18 0.02
CA THR A 52 1.56 16.24 -1.45
C THR A 52 0.37 15.63 -2.14
N ARG A 53 -0.09 16.23 -3.25
CA ARG A 53 -1.12 15.59 -4.06
C ARG A 53 -0.88 15.95 -5.52
N PRO A 54 -1.24 15.07 -6.47
CA PRO A 54 -1.13 15.47 -7.90
C PRO A 54 -2.21 16.50 -8.16
N VAL A 55 -1.96 17.47 -9.05
CA VAL A 55 -3.00 18.48 -9.36
C VAL A 55 -3.21 18.72 -10.84
N PHE A 56 -2.17 18.49 -11.65
CA PHE A 56 -2.28 18.81 -13.07
C PHE A 56 -1.35 17.94 -13.89
N ALA A 57 -1.64 17.82 -15.17
CA ALA A 57 -0.75 17.09 -16.09
C ALA A 57 -0.77 17.85 -17.37
N TYR A 58 0.40 18.09 -17.96
CA TYR A 58 0.39 18.84 -19.22
C TYR A 58 1.46 18.35 -20.17
N LEU A 59 1.39 18.81 -21.42
CA LEU A 59 2.35 18.41 -22.44
C LEU A 59 3.41 19.49 -22.57
N GLN A 60 4.67 19.14 -22.30
CA GLN A 60 5.74 20.12 -22.43
C GLN A 60 6.48 19.88 -23.72
N TYR A 61 6.84 20.97 -24.38
CA TYR A 61 7.51 20.96 -25.67
C TYR A 61 8.84 20.18 -25.68
N VAL A 62 9.05 19.31 -26.69
CA VAL A 62 10.31 18.60 -26.87
C VAL A 62 11.02 19.16 -28.12
N GLU A 63 10.38 19.04 -29.30
CA GLU A 63 10.93 19.54 -30.57
C GLU A 63 9.91 19.50 -31.70
N THR A 64 10.30 20.12 -32.83
CA THR A 64 9.48 20.14 -34.03
C THR A 64 10.35 19.60 -35.15
N ILE A 65 9.76 18.80 -36.05
CA ILE A 65 10.50 18.23 -37.17
C ILE A 65 9.64 18.19 -38.43
N SER A 66 10.25 18.56 -39.59
CA SER A 66 9.57 18.51 -40.89
CA SER A 66 9.58 18.50 -40.89
C SER A 66 10.25 17.41 -41.69
N ILE A 67 9.46 16.52 -42.30
CA ILE A 67 10.00 15.38 -43.06
C ILE A 67 9.45 15.41 -44.48
N PRO A 68 10.34 15.31 -45.51
CA PRO A 68 9.85 15.37 -46.89
C PRO A 68 9.06 14.14 -47.31
N GLN A 69 8.35 14.30 -48.44
CA GLN A 69 7.59 13.23 -49.11
C GLN A 69 8.59 12.11 -49.45
N ASN A 70 8.13 10.84 -49.32
CA ASN A 70 8.92 9.64 -49.65
C ASN A 70 10.12 9.42 -48.73
N VAL A 71 10.16 10.07 -47.56
CA VAL A 71 11.24 9.90 -46.60
C VAL A 71 10.73 9.21 -45.33
N THR A 72 11.35 8.10 -44.96
CA THR A 72 11.10 7.38 -43.72
C THR A 72 12.40 7.46 -42.91
N THR A 73 12.33 7.89 -41.64
CA THR A 73 13.54 7.99 -40.82
C THR A 73 13.27 7.63 -39.37
N THR A 74 14.29 7.11 -38.66
CA THR A 74 14.19 6.85 -37.23
C THR A 74 14.68 8.11 -36.52
N LEU A 75 13.74 8.92 -36.05
CA LEU A 75 14.04 10.16 -35.37
C LEU A 75 14.47 9.92 -33.92
N SER A 76 15.61 10.51 -33.52
CA SER A 76 16.12 10.45 -32.14
C SER A 76 15.87 11.81 -31.51
N TYR A 77 15.37 11.82 -30.27
CA TYR A 77 15.08 13.08 -29.56
C TYR A 77 15.31 12.84 -28.09
N GLN A 78 15.50 13.93 -27.34
CA GLN A 78 15.77 13.80 -25.92
C GLN A 78 14.53 13.97 -25.07
N LEU A 79 14.24 12.97 -24.24
CA LEU A 79 13.19 13.05 -23.23
C LEU A 79 13.90 13.14 -21.90
N THR A 80 13.17 13.38 -20.81
CA THR A 80 13.78 13.42 -19.48
C THR A 80 13.01 12.57 -18.48
N LYS A 81 13.68 12.19 -17.39
CA LYS A 81 13.11 11.46 -16.26
C LYS A 81 13.47 12.20 -14.98
N GLY A 82 12.64 12.02 -13.94
CA GLY A 82 12.79 12.70 -12.65
C GLY A 82 12.11 14.05 -12.70
N HIS A 83 12.55 14.99 -11.84
CA HIS A 83 11.97 16.35 -11.90
C HIS A 83 12.22 16.99 -13.27
N THR A 84 11.28 17.84 -13.73
CA THR A 84 11.44 18.48 -15.05
C THR A 84 12.61 19.46 -15.07
N ARG A 85 13.16 19.72 -16.27
CA ARG A 85 14.24 20.69 -16.40
C ARG A 85 13.75 22.07 -15.92
N SER A 86 12.51 22.46 -16.28
CA SER A 86 11.95 23.75 -15.83
C SER A 86 11.83 23.84 -14.32
N PHE A 87 11.37 22.74 -13.65
CA PHE A 87 11.27 22.77 -12.19
C PHE A 87 12.65 22.98 -11.58
N GLU A 88 13.65 22.19 -12.03
CA GLU A 88 15.03 22.26 -11.56
C GLU A 88 15.65 23.63 -11.68
N THR A 89 15.46 24.28 -12.84
CA THR A 89 16.00 25.62 -13.08
C THR A 89 15.31 26.70 -12.23
N SER A 90 14.02 26.50 -11.93
CA SER A 90 13.19 27.45 -11.16
C SER A 90 13.42 27.47 -9.64
N VAL A 91 13.79 26.32 -9.01
CA VAL A 91 13.99 26.25 -7.56
CA VAL A 91 14.00 26.27 -7.54
C VAL A 91 15.28 27.01 -7.15
N ASN A 92 15.22 27.78 -6.06
CA ASN A 92 16.36 28.57 -5.56
C ASN A 92 17.11 27.91 -4.41
N ALA A 93 16.43 27.02 -3.69
CA ALA A 93 17.00 26.33 -2.52
C ALA A 93 17.35 24.88 -2.83
N LYS A 94 18.17 24.26 -1.96
CA LYS A 94 18.49 22.84 -2.05
C LYS A 94 17.14 22.10 -1.89
N TYR A 95 16.86 21.14 -2.78
CA TYR A 95 15.57 20.45 -2.79
C TYR A 95 15.73 18.99 -3.16
N SER A 96 15.12 18.09 -2.37
CA SER A 96 15.19 16.65 -2.62
CA SER A 96 15.16 16.65 -2.65
C SER A 96 14.04 15.92 -1.94
N VAL A 97 13.60 14.79 -2.53
CA VAL A 97 12.57 13.95 -1.96
C VAL A 97 12.96 12.49 -2.12
N GLY A 98 12.68 11.70 -1.09
CA GLY A 98 12.93 10.27 -1.09
C GLY A 98 12.00 9.56 -2.05
N ALA A 99 12.46 8.40 -2.57
CA ALA A 99 11.71 7.59 -3.51
C ALA A 99 10.31 7.18 -3.06
N ASN A 100 10.08 7.03 -1.70
CA ASN A 100 8.83 6.53 -1.16
C ASN A 100 7.64 7.47 -1.33
N ILE A 101 7.87 8.71 -1.80
CA ILE A 101 6.77 9.65 -2.06
C ILE A 101 5.90 9.07 -3.19
N ASP A 102 6.47 8.14 -4.02
CA ASP A 102 5.74 7.56 -5.14
C ASP A 102 4.44 6.87 -4.76
N ILE A 103 4.18 6.60 -3.45
CA ILE A 103 2.87 6.08 -3.03
C ILE A 103 1.76 7.07 -3.46
N VAL A 104 2.09 8.36 -3.68
CA VAL A 104 1.09 9.34 -4.13
C VAL A 104 0.59 8.96 -5.54
N ASN A 105 1.48 8.42 -6.38
CA ASN A 105 1.18 8.00 -7.75
C ASN A 105 0.41 6.71 -7.76
N VAL A 106 0.88 5.73 -6.96
CA VAL A 106 0.19 4.46 -6.84
C VAL A 106 -1.26 4.63 -6.37
N GLY A 107 -1.46 5.44 -5.33
CA GLY A 107 -2.78 5.70 -4.77
C GLY A 107 -3.69 6.48 -5.71
N SER A 108 -3.09 7.24 -6.65
CA SER A 108 -3.82 8.06 -7.64
C SER A 108 -3.95 7.34 -8.99
N GLU A 109 -3.51 6.06 -9.05
CA GLU A 109 -3.59 5.21 -10.27
C GLU A 109 -2.76 5.79 -11.42
N ILE A 110 -1.61 6.38 -11.07
CA ILE A 110 -0.66 6.93 -12.01
C ILE A 110 0.64 6.19 -11.83
N SER A 111 1.33 5.92 -12.95
CA SER A 111 2.65 5.28 -12.94
C SER A 111 3.56 6.17 -13.76
N THR A 112 4.78 6.49 -13.26
CA THR A 112 5.71 7.33 -14.01
C THR A 112 6.30 6.60 -15.21
N GLY A 113 6.47 5.28 -15.10
CA GLY A 113 7.09 4.50 -16.16
C GLY A 113 8.61 4.49 -16.03
N PHE A 114 9.13 5.13 -14.96
CA PHE A 114 10.56 5.17 -14.66
C PHE A 114 10.83 4.37 -13.38
N THR A 115 12.12 4.06 -13.11
CA THR A 115 12.44 3.25 -11.92
C THR A 115 12.19 4.01 -10.62
N ARG A 116 12.17 3.27 -9.52
CA ARG A 116 11.95 3.82 -8.18
C ARG A 116 12.98 4.91 -7.84
N SER A 117 14.24 4.70 -8.20
CA SER A 117 15.29 5.68 -7.90
C SER A 117 15.32 6.89 -8.86
N GLU A 118 14.65 6.77 -10.02
CA GLU A 118 14.62 7.78 -11.09
C GLU A 118 13.44 8.75 -11.03
N SER A 119 12.23 8.24 -10.72
CA SER A 119 10.97 8.98 -10.78
C SER A 119 10.94 10.36 -10.14
N TRP A 120 11.56 10.50 -8.93
CA TRP A 120 11.55 11.74 -8.14
C TRP A 120 12.95 12.33 -7.92
N SER A 121 13.91 11.86 -8.71
CA SER A 121 15.29 12.31 -8.62
C SER A 121 15.51 13.56 -9.46
N THR A 122 16.79 13.93 -9.66
CA THR A 122 17.17 15.06 -10.47
C THR A 122 16.90 14.75 -11.94
N THR A 123 16.70 15.80 -12.77
CA THR A 123 16.48 15.68 -14.21
C THR A 123 17.61 14.89 -14.87
N GLN A 124 17.23 13.86 -15.63
CA GLN A 124 18.16 13.02 -16.37
CA GLN A 124 18.15 13.00 -16.36
C GLN A 124 17.62 12.87 -17.79
N SER A 125 18.41 13.27 -18.79
CA SER A 125 18.02 13.15 -20.19
CA SER A 125 18.02 13.15 -20.19
C SER A 125 18.26 11.73 -20.69
N PHE A 126 17.47 11.29 -21.67
CA PHE A 126 17.61 9.98 -22.30
C PHE A 126 17.09 10.07 -23.71
N THR A 127 17.66 9.25 -24.60
CA THR A 127 17.30 9.23 -26.01
C THR A 127 16.11 8.32 -26.22
N ASP A 128 15.13 8.83 -26.98
CA ASP A 128 13.98 8.04 -27.39
C ASP A 128 13.90 8.12 -28.92
N THR A 129 13.39 7.06 -29.55
CA THR A 129 13.29 7.06 -31.01
C THR A 129 11.91 6.68 -31.47
N THR A 130 11.50 7.19 -32.65
CA THR A 130 10.25 6.85 -33.33
C THR A 130 10.52 6.85 -34.84
N GLU A 131 10.13 5.75 -35.52
CA GLU A 131 10.26 5.70 -36.97
C GLU A 131 9.11 6.53 -37.50
N MET A 132 9.43 7.56 -38.30
CA MET A 132 8.43 8.48 -38.81
C MET A 132 8.59 8.62 -40.33
N LYS A 133 7.50 8.98 -41.00
CA LYS A 133 7.45 9.16 -42.44
C LYS A 133 6.84 10.50 -42.81
N GLY A 134 7.40 11.13 -43.85
CA GLY A 134 6.86 12.37 -44.35
C GLY A 134 5.75 12.09 -45.35
N PRO A 135 5.13 13.13 -45.96
CA PRO A 135 5.40 14.56 -45.76
C PRO A 135 4.73 15.08 -44.49
N GLY A 136 5.25 16.16 -43.94
CA GLY A 136 4.62 16.79 -42.80
C GLY A 136 5.53 17.45 -41.80
N THR A 137 4.93 18.29 -40.96
CA THR A 137 5.60 18.95 -39.87
C THR A 137 4.92 18.42 -38.61
N PHE A 138 5.72 17.97 -37.66
CA PHE A 138 5.24 17.33 -36.44
C PHE A 138 5.90 17.92 -35.20
N VAL A 139 5.14 17.98 -34.11
CA VAL A 139 5.61 18.50 -32.83
C VAL A 139 5.56 17.36 -31.83
N ILE A 140 6.63 17.21 -31.07
CA ILE A 140 6.77 16.19 -30.04
C ILE A 140 6.66 16.86 -28.69
N TYR A 141 5.88 16.25 -27.79
CA TYR A 141 5.72 16.73 -26.41
C TYR A 141 5.92 15.57 -25.45
N GLN A 142 6.26 15.87 -24.19
CA GLN A 142 6.36 14.84 -23.14
C GLN A 142 5.38 15.21 -22.02
N VAL A 143 4.74 14.19 -21.44
CA VAL A 143 3.79 14.38 -20.34
C VAL A 143 4.53 14.79 -19.08
N VAL A 144 4.04 15.86 -18.45
CA VAL A 144 4.54 16.37 -17.17
C VAL A 144 3.45 16.17 -16.13
N LEU A 145 3.84 15.62 -14.97
CA LEU A 145 2.97 15.41 -13.83
C LEU A 145 3.27 16.51 -12.82
N VAL A 146 2.24 17.27 -12.45
CA VAL A 146 2.36 18.41 -11.52
C VAL A 146 1.72 18.10 -10.18
N TYR A 147 2.45 18.43 -9.10
CA TYR A 147 2.02 18.18 -7.72
C TYR A 147 1.97 19.47 -6.92
N ALA A 148 1.00 19.54 -5.99
CA ALA A 148 0.89 20.66 -5.06
C ALA A 148 1.38 20.12 -3.71
N HIS A 149 2.06 20.99 -2.96
CA HIS A 149 2.64 20.59 -1.70
C HIS A 149 2.38 21.64 -0.62
N ASN A 150 2.22 21.18 0.61
CA ASN A 150 2.19 22.03 1.79
C ASN A 150 3.29 21.49 2.70
N ALA A 151 4.46 22.13 2.66
CA ALA A 151 5.60 21.79 3.51
C ALA A 151 5.34 22.53 4.81
N THR A 152 4.78 21.80 5.79
CA THR A 152 4.36 22.38 7.08
C THR A 152 5.57 22.98 7.83
N SER A 153 5.36 24.18 8.42
CA SER A 153 6.38 24.94 9.17
C SER A 153 7.54 25.50 8.31
N ALA A 154 7.61 25.20 6.99
CA ALA A 154 8.74 25.61 6.15
C ALA A 154 8.74 27.07 5.69
N GLY A 155 7.62 27.75 5.88
CA GLY A 155 7.40 29.12 5.37
C GLY A 155 8.20 30.26 5.96
N ARG A 156 8.67 30.13 7.20
CA ARG A 156 9.47 31.20 7.82
C ARG A 156 10.87 31.25 7.21
N GLN A 157 11.47 30.07 6.97
CA GLN A 157 12.82 29.91 6.46
C GLN A 157 12.93 29.78 4.95
N ASN A 158 11.86 29.33 4.29
CA ASN A 158 11.91 29.07 2.86
C ASN A 158 10.88 29.83 2.03
N ALA A 159 10.55 31.08 2.40
CA ALA A 159 9.60 31.90 1.64
C ALA A 159 10.08 32.27 0.22
N ASN A 160 11.41 32.15 -0.04
CA ASN A 160 12.01 32.44 -1.36
C ASN A 160 12.62 31.20 -2.05
N ALA A 161 12.33 30.00 -1.52
CA ALA A 161 12.84 28.74 -2.07
C ALA A 161 12.36 28.48 -3.50
N PHE A 162 11.10 28.86 -3.83
CA PHE A 162 10.49 28.57 -5.13
C PHE A 162 10.14 29.82 -5.96
N ALA A 163 10.05 29.64 -7.29
CA ALA A 163 9.70 30.70 -8.24
C ALA A 163 8.30 31.27 -7.91
N TYR A 164 7.37 30.38 -7.49
CA TYR A 164 5.99 30.71 -7.11
C TYR A 164 5.65 29.93 -5.86
N SER A 165 5.15 30.63 -4.84
CA SER A 165 4.76 29.97 -3.61
C SER A 165 3.81 30.86 -2.82
N LYS A 166 3.16 30.27 -1.83
CA LYS A 166 2.29 30.97 -0.88
C LYS A 166 2.58 30.46 0.51
N THR A 167 2.66 31.35 1.49
CA THR A 167 2.81 30.92 2.88
C THR A 167 1.47 31.11 3.55
N GLN A 168 1.16 30.27 4.54
CA GLN A 168 -0.09 30.35 5.25
C GLN A 168 0.17 30.15 6.73
N ALA A 169 -0.42 31.00 7.57
CA ALA A 169 -0.19 30.86 9.02
C ALA A 169 -1.19 29.89 9.63
N VAL A 170 -0.70 28.99 10.50
CA VAL A 170 -1.54 28.01 11.19
C VAL A 170 -1.15 28.23 12.63
N GLY A 171 -1.97 28.94 13.38
CA GLY A 171 -1.61 29.33 14.74
C GLY A 171 -0.34 30.15 14.67
N SER A 172 0.75 29.65 15.30
CA SER A 172 2.06 30.32 15.31
C SER A 172 3.09 29.70 14.35
N ARG A 173 2.64 28.76 13.52
CA ARG A 173 3.44 28.06 12.53
C ARG A 173 3.17 28.73 11.16
N VAL A 174 4.14 28.64 10.22
CA VAL A 174 4.01 29.19 8.84
C VAL A 174 4.25 28.03 7.84
N ASP A 175 3.21 27.68 7.09
CA ASP A 175 3.26 26.61 6.08
C ASP A 175 3.71 27.15 4.73
N LEU A 176 4.33 26.29 3.90
CA LEU A 176 4.81 26.70 2.57
C LEU A 176 4.12 25.89 1.48
N TYR A 177 3.39 26.58 0.60
CA TYR A 177 2.66 25.96 -0.49
C TYR A 177 3.39 26.23 -1.78
N TYR A 178 3.65 25.19 -2.56
CA TYR A 178 4.34 25.35 -3.83
C TYR A 178 3.98 24.16 -4.75
N LEU A 179 4.36 24.24 -6.03
CA LEU A 179 4.15 23.13 -6.95
C LEU A 179 5.49 22.56 -7.38
N SER A 180 5.52 21.26 -7.71
CA SER A 180 6.69 20.63 -8.31
C SER A 180 6.22 19.85 -9.52
N ALA A 181 7.16 19.41 -10.34
CA ALA A 181 6.79 18.69 -11.56
C ALA A 181 7.85 17.65 -11.90
N ILE A 182 7.40 16.48 -12.34
CA ILE A 182 8.23 15.36 -12.79
C ILE A 182 7.68 14.93 -14.15
N THR A 183 8.44 14.14 -14.90
CA THR A 183 7.92 13.64 -16.17
C THR A 183 7.42 12.22 -16.03
N GLN A 184 6.60 11.81 -17.00
CA GLN A 184 6.10 10.44 -17.17
C GLN A 184 6.75 9.92 -18.45
N ARG A 185 6.93 8.59 -18.56
CA ARG A 185 7.51 7.95 -19.74
C ARG A 185 6.42 7.86 -20.83
N LYS A 186 5.97 9.04 -21.29
CA LYS A 186 4.91 9.18 -22.28
CA LYS A 186 4.89 9.19 -22.28
C LYS A 186 5.17 10.43 -23.11
N ARG A 187 5.11 10.27 -24.43
CA ARG A 187 5.33 11.37 -25.35
C ARG A 187 4.26 11.33 -26.45
N VAL A 188 3.90 12.49 -26.97
CA VAL A 188 2.87 12.66 -27.98
C VAL A 188 3.54 13.28 -29.20
N ILE A 189 3.15 12.81 -30.40
CA ILE A 189 3.61 13.40 -31.67
C ILE A 189 2.35 13.80 -32.42
N VAL A 190 2.22 15.09 -32.80
CA VAL A 190 1.05 15.57 -33.53
C VAL A 190 1.46 16.37 -34.76
N PRO A 191 0.69 16.33 -35.88
CA PRO A 191 1.00 17.21 -37.02
C PRO A 191 0.85 18.66 -36.58
N SER A 192 1.63 19.58 -37.18
CA SER A 192 1.60 21.02 -36.86
CA SER A 192 1.60 21.02 -36.86
C SER A 192 0.20 21.60 -36.95
N SER A 193 -0.68 20.99 -37.78
CA SER A 193 -2.09 21.39 -37.98
C SER A 193 -2.96 21.04 -36.75
N ASN A 194 -2.61 19.95 -36.00
CA ASN A 194 -3.34 19.52 -34.80
C ASN A 194 -2.61 20.01 -33.52
N ALA A 195 -1.68 20.96 -33.68
CA ALA A 195 -0.92 21.48 -32.56
C ALA A 195 -1.28 22.91 -32.21
N VAL A 196 -1.23 23.20 -30.91
CA VAL A 196 -1.42 24.54 -30.34
C VAL A 196 -0.18 24.82 -29.50
N THR A 197 0.02 26.10 -29.10
CA THR A 197 1.17 26.44 -28.26
C THR A 197 1.05 25.73 -26.91
N PRO A 198 2.05 24.90 -26.53
CA PRO A 198 1.93 24.19 -25.25
C PRO A 198 2.09 25.11 -24.06
N LEU A 199 1.59 24.63 -22.94
CA LEU A 199 1.75 25.33 -21.68
C LEU A 199 3.21 25.15 -21.24
N ASP A 200 3.72 26.09 -20.45
CA ASP A 200 5.05 26.01 -19.88
C ASP A 200 4.95 26.09 -18.35
N TRP A 201 6.06 25.85 -17.66
CA TRP A 201 6.09 25.79 -16.21
C TRP A 201 5.66 27.09 -15.52
N ASP A 202 6.11 28.26 -16.03
CA ASP A 202 5.74 29.58 -15.49
C ASP A 202 4.22 29.77 -15.55
N THR A 203 3.61 29.48 -16.71
CA THR A 203 2.17 29.60 -16.95
C THR A 203 1.39 28.66 -16.02
N VAL A 204 1.80 27.39 -15.93
CA VAL A 204 1.13 26.40 -15.09
C VAL A 204 1.14 26.83 -13.62
N GLN A 205 2.30 27.26 -13.08
CA GLN A 205 2.37 27.68 -11.67
C GLN A 205 1.52 28.90 -11.41
N ARG A 206 1.58 29.92 -12.32
CA ARG A 206 0.78 31.13 -12.15
CA ARG A 206 0.78 31.13 -12.17
C ARG A 206 -0.71 30.79 -12.10
N ASN A 207 -1.19 29.99 -13.05
CA ASN A 207 -2.60 29.63 -13.13
C ASN A 207 -3.08 28.66 -12.07
N VAL A 208 -2.36 27.57 -11.87
CA VAL A 208 -2.77 26.54 -10.91
C VAL A 208 -2.65 27.02 -9.45
N LEU A 209 -1.47 27.48 -9.05
CA LEU A 209 -1.26 27.86 -7.64
C LEU A 209 -1.67 29.28 -7.30
N MET A 210 -1.25 30.23 -8.12
CA MET A 210 -1.44 31.64 -7.77
C MET A 210 -2.88 32.10 -7.97
N GLU A 211 -3.49 31.72 -9.10
CA GLU A 211 -4.84 32.14 -9.45
C GLU A 211 -5.95 31.16 -9.02
N ASN A 212 -5.69 29.84 -9.01
CA ASN A 212 -6.71 28.82 -8.74
C ASN A 212 -6.65 28.07 -7.43
N TYR A 213 -5.68 28.33 -6.60
CA TYR A 213 -5.68 27.68 -5.31
C TYR A 213 -5.63 28.75 -4.27
N ASN A 214 -6.43 28.57 -3.23
CA ASN A 214 -6.54 29.51 -2.13
C ASN A 214 -6.21 28.75 -0.83
N PRO A 215 -4.97 28.91 -0.28
CA PRO A 215 -4.62 28.15 0.95
C PRO A 215 -5.51 28.54 2.11
N GLY A 216 -6.00 29.79 2.08
CA GLY A 216 -6.86 30.34 3.10
C GLY A 216 -8.09 29.51 3.40
N SER A 217 -8.77 29.04 2.36
CA SER A 217 -9.97 28.23 2.47
C SER A 217 -9.69 26.79 2.04
N ASN A 218 -8.43 26.46 1.64
CA ASN A 218 -8.07 25.14 1.09
C ASN A 218 -9.06 24.81 -0.04
N SER A 219 -9.24 25.76 -0.95
CA SER A 219 -10.18 25.58 -2.04
C SER A 219 -9.71 26.24 -3.31
N GLY A 220 -10.54 26.11 -4.33
CA GLY A 220 -10.33 26.58 -5.68
C GLY A 220 -10.63 25.38 -6.56
N HIS A 221 -9.72 25.08 -7.48
CA HIS A 221 -9.88 23.96 -8.36
C HIS A 221 -9.46 22.61 -7.74
N PHE A 222 -8.84 22.65 -6.57
CA PHE A 222 -8.45 21.44 -5.83
C PHE A 222 -8.33 21.79 -4.36
N SER A 223 -8.35 20.73 -3.52
CA SER A 223 -8.16 20.86 -2.08
CA SER A 223 -8.18 20.85 -2.07
C SER A 223 -7.25 19.74 -1.61
N PHE A 224 -6.45 20.04 -0.58
CA PHE A 224 -5.63 18.98 0.01
C PHE A 224 -6.52 18.18 0.94
N ASP A 225 -6.24 16.88 1.05
CA ASP A 225 -6.95 16.00 1.96
C ASP A 225 -6.05 15.80 3.22
N TRP A 226 -6.30 16.60 4.29
CA TRP A 226 -5.48 16.55 5.50
C TRP A 226 -5.53 15.21 6.26
N SER A 227 -6.53 14.36 5.95
CA SER A 227 -6.65 13.03 6.59
C SER A 227 -5.47 12.13 6.26
N ALA A 228 -4.63 12.50 5.24
CA ALA A 228 -3.40 11.77 4.91
C ALA A 228 -2.54 11.62 6.19
N TYR A 229 -2.48 12.68 7.06
CA TYR A 229 -1.67 12.60 8.28
C TYR A 229 -2.07 11.43 9.19
N ASN A 230 -3.37 11.14 9.27
CA ASN A 230 -4.01 10.14 10.12
C ASN A 230 -4.21 8.75 9.45
N ASP A 231 -3.66 8.60 8.23
CA ASP A 231 -3.80 7.36 7.46
C ASP A 231 -2.42 6.73 7.24
N PRO A 232 -2.10 5.62 7.97
CA PRO A 232 -0.78 5.00 7.80
C PRO A 232 -0.45 4.61 6.37
N HIS A 233 -1.47 4.19 5.58
CA HIS A 233 -1.26 3.80 4.18
CA HIS A 233 -1.33 3.81 4.17
C HIS A 233 -0.92 4.99 3.28
N ARG A 234 -1.13 6.23 3.76
CA ARG A 234 -0.78 7.43 2.98
C ARG A 234 0.38 8.25 3.59
N ARG A 235 1.13 7.64 4.50
CA ARG A 235 2.33 8.24 5.10
C ARG A 235 3.53 7.48 4.54
N TYR A 236 4.52 8.20 4.02
CA TYR A 236 5.70 7.53 3.47
C TYR A 236 6.95 7.86 4.25
N GLY B 2 -6.04 7.34 45.65
CA GLY B 2 -5.45 6.08 45.21
C GLY B 2 -3.99 6.16 44.82
N ARG B 3 -3.31 7.30 45.15
CA ARG B 3 -1.88 7.58 44.85
C ARG B 3 -1.54 7.25 43.39
N PHE B 4 -2.36 7.75 42.46
CA PHE B 4 -2.17 7.52 41.02
C PHE B 4 -0.85 8.10 40.50
N ASP B 5 -0.13 8.90 41.32
CA ASP B 5 1.20 9.41 40.99
C ASP B 5 2.22 8.25 40.93
N GLN B 6 1.88 7.09 41.55
CA GLN B 6 2.71 5.87 41.54
C GLN B 6 2.80 5.28 40.13
N TYR B 7 1.80 5.54 39.26
CA TYR B 7 1.79 4.95 37.91
C TYR B 7 2.65 5.76 36.95
N PRO B 8 3.41 5.07 36.06
CA PRO B 8 4.25 5.82 35.09
C PRO B 8 3.43 6.38 33.94
N THR B 9 4.07 7.19 33.10
CA THR B 9 3.42 7.76 31.93
C THR B 9 4.03 7.07 30.71
N LYS B 10 3.18 6.65 29.78
CA LYS B 10 3.60 5.94 28.57
C LYS B 10 3.07 6.64 27.31
N LYS B 11 3.89 6.66 26.26
CA LYS B 11 3.53 7.28 24.99
C LYS B 11 3.46 6.22 23.90
N GLY B 12 2.25 5.90 23.48
CA GLY B 12 2.02 4.94 22.40
C GLY B 12 2.02 3.47 22.80
N ASP B 13 1.52 2.62 21.88
CA ASP B 13 1.38 1.17 22.08
C ASP B 13 2.69 0.44 22.39
N PHE B 14 3.84 0.83 21.80
CA PHE B 14 5.10 0.11 22.13
C PHE B 14 5.50 0.36 23.58
N ALA B 15 5.25 1.59 24.07
CA ALA B 15 5.55 1.92 25.47
C ALA B 15 4.55 1.23 26.42
N ILE B 16 3.25 1.19 26.08
CA ILE B 16 2.25 0.47 26.89
C ILE B 16 2.64 -1.03 26.92
N ASP B 17 3.08 -1.58 25.78
CA ASP B 17 3.56 -2.97 25.73
C ASP B 17 4.74 -3.19 26.64
N GLY B 18 5.71 -2.29 26.62
CA GLY B 18 6.88 -2.36 27.51
C GLY B 18 6.46 -2.45 28.97
N TYR B 19 5.42 -1.68 29.33
CA TYR B 19 4.89 -1.69 30.70
C TYR B 19 4.21 -3.05 31.04
N LEU B 20 3.31 -3.55 30.16
CA LEU B 20 2.59 -4.80 30.37
C LEU B 20 3.47 -6.05 30.26
N LEU B 21 4.52 -5.99 29.41
CA LEU B 21 5.47 -7.09 29.20
C LEU B 21 6.55 -7.15 30.27
N ASP B 22 6.56 -6.16 31.19
CA ASP B 22 7.46 -6.16 32.33
C ASP B 22 6.68 -6.88 33.44
N TYR B 23 6.93 -8.18 33.57
CA TYR B 23 6.25 -9.02 34.55
C TYR B 23 7.11 -9.17 35.82
N SER B 24 8.05 -8.23 36.07
CA SER B 24 8.85 -8.26 37.31
C SER B 24 7.99 -7.84 38.54
N SER B 25 6.85 -7.14 38.27
CA SER B 25 5.91 -6.66 39.29
CA SER B 25 5.91 -6.68 39.30
C SER B 25 4.49 -6.67 38.71
N PRO B 26 3.43 -6.89 39.53
CA PRO B 26 2.06 -6.86 38.97
C PRO B 26 1.72 -5.44 38.49
N LYS B 27 1.06 -5.33 37.32
CA LYS B 27 0.70 -4.04 36.75
CA LYS B 27 0.70 -4.03 36.75
C LYS B 27 -0.81 -3.80 36.78
N GLN B 28 -1.23 -2.53 37.01
CA GLN B 28 -2.64 -2.14 37.04
C GLN B 28 -2.99 -1.13 35.94
N GLY B 29 -2.11 -0.17 35.70
CA GLY B 29 -2.39 0.90 34.75
C GLY B 29 -1.28 1.92 34.62
N CYS B 30 -1.43 2.80 33.65
CA CYS B 30 -0.46 3.85 33.38
C CYS B 30 -1.12 5.08 32.80
N TRP B 31 -0.50 6.25 33.02
CA TRP B 31 -0.96 7.49 32.42
C TRP B 31 -0.54 7.41 30.96
N VAL B 32 -1.35 8.00 30.06
CA VAL B 32 -1.05 7.98 28.63
C VAL B 32 -0.71 9.41 28.15
N ASP B 33 0.44 9.56 27.49
CA ASP B 33 0.84 10.84 26.89
C ASP B 33 0.28 10.77 25.46
N GLY B 34 -0.82 11.47 25.22
CA GLY B 34 -1.48 11.49 23.92
C GLY B 34 -1.82 12.89 23.46
N ILE B 35 -2.20 13.00 22.19
CA ILE B 35 -2.55 14.28 21.55
C ILE B 35 -4.00 14.67 21.81
N THR B 36 -4.30 15.97 21.59
CA THR B 36 -5.67 16.45 21.69
C THR B 36 -6.25 16.62 20.27
N VAL B 37 -7.52 16.24 20.10
CA VAL B 37 -8.27 16.44 18.84
C VAL B 37 -9.50 17.28 19.16
N TYR B 38 -10.19 17.80 18.14
CA TYR B 38 -11.36 18.62 18.36
C TYR B 38 -12.46 18.24 17.37
N GLY B 39 -13.67 18.08 17.88
CA GLY B 39 -14.83 17.75 17.05
C GLY B 39 -16.07 17.50 17.87
N ASP B 40 -17.14 17.11 17.18
CA ASP B 40 -18.43 16.83 17.82
C ASP B 40 -18.47 15.59 18.66
N ILE B 41 -19.15 15.73 19.79
CA ILE B 41 -19.57 14.64 20.66
C ILE B 41 -21.03 14.94 20.99
N TYR B 42 -21.90 13.97 20.75
CA TYR B 42 -23.32 14.12 21.08
C TYR B 42 -23.56 13.81 22.56
N ILE B 43 -24.03 14.81 23.30
CA ILE B 43 -24.34 14.64 24.74
C ILE B 43 -25.71 15.25 25.03
N GLY B 44 -26.62 14.43 25.56
CA GLY B 44 -27.96 14.87 25.92
C GLY B 44 -28.88 15.10 24.74
N LYS B 45 -28.90 16.34 24.23
CA LYS B 45 -29.82 16.71 23.14
C LYS B 45 -29.16 17.20 21.85
N GLN B 46 -27.83 17.38 21.84
CA GLN B 46 -27.12 17.90 20.67
C GLN B 46 -25.63 17.57 20.70
N ASN B 47 -24.94 17.89 19.59
CA ASN B 47 -23.49 17.80 19.45
C ASN B 47 -22.90 19.03 20.13
N TRP B 48 -21.70 18.86 20.71
CA TRP B 48 -20.95 19.92 21.36
C TRP B 48 -19.53 19.88 20.78
N GLY B 49 -18.94 21.06 20.55
CA GLY B 49 -17.54 21.17 20.11
C GLY B 49 -16.70 20.71 21.28
N THR B 50 -16.01 19.58 21.12
CA THR B 50 -15.32 18.93 22.22
C THR B 50 -13.85 18.70 21.95
N TYR B 51 -13.01 18.98 22.95
CA TYR B 51 -11.57 18.63 22.88
C TYR B 51 -11.46 17.28 23.57
N THR B 52 -10.73 16.34 22.95
CA THR B 52 -10.51 15.00 23.50
C THR B 52 -9.03 14.62 23.45
N ARG B 53 -8.53 13.99 24.53
CA ARG B 53 -7.17 13.45 24.50
C ARG B 53 -7.14 12.18 25.36
N PRO B 54 -6.25 11.22 25.04
CA PRO B 54 -6.10 10.03 25.91
C PRO B 54 -5.38 10.45 27.19
N VAL B 55 -5.76 9.85 28.31
CA VAL B 55 -5.14 10.20 29.59
C VAL B 55 -4.66 9.01 30.38
N PHE B 56 -5.27 7.83 30.18
CA PHE B 56 -4.91 6.70 31.03
C PHE B 56 -5.23 5.40 30.34
N ALA B 57 -4.58 4.31 30.78
CA ALA B 57 -4.87 2.98 30.28
C ALA B 57 -4.80 2.06 31.48
N TYR B 58 -5.76 1.18 31.61
CA TYR B 58 -5.74 0.24 32.74
C TYR B 58 -6.29 -1.13 32.36
N LEU B 59 -6.02 -2.11 33.24
CA LEU B 59 -6.50 -3.47 33.04
C LEU B 59 -7.81 -3.66 33.77
N GLN B 60 -8.92 -3.79 33.01
CA GLN B 60 -10.18 -4.05 33.68
C GLN B 60 -10.42 -5.54 33.80
N TYR B 61 -11.07 -5.93 34.87
CA TYR B 61 -11.39 -7.33 35.14
C TYR B 61 -12.33 -7.93 34.10
N VAL B 62 -12.01 -9.15 33.61
CA VAL B 62 -12.86 -9.87 32.66
C VAL B 62 -13.47 -11.06 33.39
N GLU B 63 -12.61 -11.94 33.92
CA GLU B 63 -13.08 -13.10 34.67
C GLU B 63 -11.96 -13.72 35.48
N THR B 64 -12.37 -14.59 36.41
CA THR B 64 -11.47 -15.44 37.18
C THR B 64 -11.83 -16.84 36.72
N ILE B 65 -10.83 -17.58 36.23
CA ILE B 65 -11.01 -18.93 35.74
C ILE B 65 -10.21 -19.94 36.55
N SER B 66 -10.93 -20.91 37.10
CA SER B 66 -10.38 -22.02 37.86
C SER B 66 -10.35 -23.27 36.95
N ILE B 67 -9.16 -23.85 36.75
CA ILE B 67 -8.97 -25.06 35.96
C ILE B 67 -8.29 -26.03 36.94
N PRO B 68 -9.07 -26.69 37.84
CA PRO B 68 -8.44 -27.46 38.92
C PRO B 68 -7.81 -28.79 38.55
N GLN B 69 -8.18 -29.35 37.39
CA GLN B 69 -7.70 -30.66 36.93
C GLN B 69 -6.42 -30.50 36.12
N ASN B 70 -5.55 -31.52 36.12
CA ASN B 70 -4.30 -31.41 35.37
C ASN B 70 -4.49 -31.86 33.93
N VAL B 71 -5.05 -30.96 33.09
CA VAL B 71 -5.24 -31.21 31.67
C VAL B 71 -5.16 -29.86 30.90
N THR B 72 -4.96 -29.95 29.57
CA THR B 72 -4.84 -28.84 28.62
C THR B 72 -6.19 -28.63 27.94
N THR B 73 -6.74 -27.40 28.04
CA THR B 73 -8.06 -27.07 27.50
C THR B 73 -8.07 -25.77 26.70
N THR B 74 -9.01 -25.66 25.74
CA THR B 74 -9.20 -24.43 24.96
C THR B 74 -10.21 -23.61 25.74
N LEU B 75 -9.75 -22.58 26.46
CA LEU B 75 -10.64 -21.75 27.24
C LEU B 75 -11.26 -20.66 26.41
N SER B 76 -12.61 -20.57 26.46
CA SER B 76 -13.41 -19.57 25.78
CA SER B 76 -13.38 -19.54 25.78
C SER B 76 -13.86 -18.52 26.80
N TYR B 77 -13.81 -17.24 26.45
CA TYR B 77 -14.22 -16.15 27.33
C TYR B 77 -14.64 -14.96 26.47
N GLN B 78 -15.40 -14.04 27.06
CA GLN B 78 -15.89 -12.89 26.34
C GLN B 78 -15.02 -11.68 26.61
N LEU B 79 -14.60 -11.02 25.52
CA LEU B 79 -13.92 -9.73 25.60
C LEU B 79 -14.94 -8.75 25.03
N THR B 80 -14.68 -7.42 25.12
CA THR B 80 -15.63 -6.47 24.57
C THR B 80 -14.91 -5.47 23.67
N LYS B 81 -15.65 -4.90 22.71
CA LYS B 81 -15.16 -3.86 21.81
C LYS B 81 -16.09 -2.64 21.94
N GLY B 82 -15.56 -1.46 21.66
CA GLY B 82 -16.33 -0.22 21.77
C GLY B 82 -16.17 0.39 23.15
N HIS B 83 -17.10 1.28 23.53
CA HIS B 83 -17.08 1.87 24.87
C HIS B 83 -17.18 0.75 25.91
N THR B 84 -16.56 0.92 27.08
CA THR B 84 -16.61 -0.13 28.11
C THR B 84 -18.02 -0.25 28.65
N ARG B 85 -18.36 -1.41 29.22
CA ARG B 85 -19.66 -1.61 29.85
C ARG B 85 -19.79 -0.67 31.05
N SER B 86 -18.68 -0.45 31.80
CA SER B 86 -18.70 0.45 32.96
C SER B 86 -19.02 1.89 32.54
N PHE B 87 -18.46 2.34 31.39
CA PHE B 87 -18.79 3.67 30.88
C PHE B 87 -20.26 3.76 30.52
N GLU B 88 -20.77 2.80 29.72
CA GLU B 88 -22.17 2.77 29.28
C GLU B 88 -23.15 2.81 30.44
N THR B 89 -22.88 2.01 31.49
CA THR B 89 -23.79 1.97 32.65
C THR B 89 -23.68 3.27 33.48
N SER B 90 -22.54 3.98 33.42
CA SER B 90 -22.33 5.21 34.19
C SER B 90 -22.97 6.49 33.60
N VAL B 91 -23.22 6.55 32.28
CA VAL B 91 -23.80 7.74 31.60
CA VAL B 91 -23.77 7.75 31.64
C VAL B 91 -25.30 7.83 31.82
N ASN B 92 -25.77 9.01 32.26
CA ASN B 92 -27.16 9.36 32.55
C ASN B 92 -27.84 10.12 31.41
N ALA B 93 -27.20 10.19 30.25
CA ALA B 93 -27.72 10.93 29.09
C ALA B 93 -27.42 10.20 27.79
N LYS B 94 -28.15 10.56 26.72
CA LYS B 94 -27.88 10.04 25.39
C LYS B 94 -26.44 10.46 25.06
N TYR B 95 -25.63 9.54 24.52
CA TYR B 95 -24.22 9.79 24.23
C TYR B 95 -23.78 9.02 23.01
N SER B 96 -23.16 9.72 22.06
CA SER B 96 -22.68 9.15 20.80
CA SER B 96 -22.61 9.11 20.84
C SER B 96 -21.51 9.95 20.23
N VAL B 97 -20.65 9.31 19.48
CA VAL B 97 -19.55 9.98 18.81
C VAL B 97 -19.27 9.29 17.49
N GLY B 98 -18.94 10.09 16.48
CA GLY B 98 -18.62 9.57 15.16
C GLY B 98 -17.29 8.83 15.18
N ALA B 99 -17.16 7.88 14.27
CA ALA B 99 -15.98 7.05 14.12
C ALA B 99 -14.66 7.80 13.92
N ASN B 100 -14.70 9.02 13.31
CA ASN B 100 -13.48 9.78 12.98
C ASN B 100 -12.76 10.35 14.19
N ILE B 101 -13.36 10.27 15.40
CA ILE B 101 -12.67 10.68 16.64
C ILE B 101 -11.43 9.79 16.81
N ASP B 102 -11.39 8.58 16.17
CA ASP B 102 -10.26 7.64 16.28
C ASP B 102 -8.92 8.22 15.80
N ILE B 103 -8.92 9.41 15.12
CA ILE B 103 -7.66 10.06 14.77
C ILE B 103 -6.88 10.44 16.08
N VAL B 104 -7.58 10.52 17.23
CA VAL B 104 -6.94 10.76 18.52
C VAL B 104 -5.98 9.60 18.83
N ASN B 105 -6.37 8.36 18.46
CA ASN B 105 -5.56 7.18 18.67
C ASN B 105 -4.41 7.13 17.69
N VAL B 106 -4.70 7.29 16.38
CA VAL B 106 -3.64 7.31 15.38
C VAL B 106 -2.56 8.33 15.76
N GLY B 107 -2.98 9.55 16.09
CA GLY B 107 -2.08 10.64 16.47
C GLY B 107 -1.25 10.38 17.72
N SER B 108 -1.77 9.54 18.64
CA SER B 108 -1.10 9.17 19.90
C SER B 108 -0.34 7.85 19.80
N GLU B 109 -0.20 7.28 18.57
CA GLU B 109 0.52 6.02 18.33
C GLU B 109 -0.15 4.84 19.06
N ILE B 110 -1.50 4.86 19.08
CA ILE B 110 -2.36 3.83 19.68
C ILE B 110 -3.34 3.28 18.62
N SER B 111 -3.52 1.94 18.63
CA SER B 111 -4.45 1.26 17.74
CA SER B 111 -4.49 1.31 17.75
C SER B 111 -5.40 0.45 18.61
N THR B 112 -6.72 0.56 18.39
CA THR B 112 -7.64 -0.22 19.22
C THR B 112 -7.64 -1.72 18.85
N GLY B 113 -7.33 -2.00 17.59
CA GLY B 113 -7.37 -3.37 17.06
C GLY B 113 -8.77 -3.74 16.60
N PHE B 114 -9.69 -2.77 16.67
CA PHE B 114 -11.06 -2.92 16.22
C PHE B 114 -11.33 -2.09 14.97
N THR B 115 -12.45 -2.37 14.28
CA THR B 115 -12.78 -1.61 13.07
C THR B 115 -13.26 -0.21 13.40
N ARG B 116 -13.31 0.64 12.36
CA ARG B 116 -13.74 2.02 12.43
C ARG B 116 -15.14 2.13 13.04
N SER B 117 -16.08 1.26 12.64
CA SER B 117 -17.46 1.29 13.14
C SER B 117 -17.63 0.67 14.53
N GLU B 118 -16.58 -0.01 15.06
CA GLU B 118 -16.62 -0.69 16.35
C GLU B 118 -15.95 0.05 17.50
N SER B 119 -14.76 0.62 17.25
CA SER B 119 -13.91 1.21 18.30
C SER B 119 -14.60 2.19 19.25
N TRP B 120 -15.48 3.08 18.72
CA TRP B 120 -16.14 4.11 19.53
C TRP B 120 -17.67 3.97 19.58
N SER B 121 -18.14 2.76 19.28
CA SER B 121 -19.56 2.45 19.30
C SER B 121 -20.00 1.92 20.67
N THR B 122 -21.22 1.36 20.77
CA THR B 122 -21.72 0.77 22.02
C THR B 122 -20.94 -0.51 22.32
N THR B 123 -20.93 -0.93 23.59
CA THR B 123 -20.23 -2.13 24.04
C THR B 123 -20.77 -3.35 23.31
N GLN B 124 -19.87 -4.12 22.69
CA GLN B 124 -20.23 -5.37 22.00
C GLN B 124 -19.32 -6.49 22.48
N SER B 125 -19.91 -7.61 22.92
CA SER B 125 -19.10 -8.75 23.36
C SER B 125 -18.66 -9.58 22.17
N PHE B 126 -17.52 -10.25 22.29
CA PHE B 126 -17.03 -11.18 21.30
C PHE B 126 -16.23 -12.27 21.99
N THR B 127 -16.22 -13.46 21.37
CA THR B 127 -15.54 -14.60 21.93
C THR B 127 -14.06 -14.58 21.60
N ASP B 128 -13.24 -14.87 22.62
CA ASP B 128 -11.81 -15.04 22.46
C ASP B 128 -11.42 -16.35 23.13
N THR B 129 -10.37 -17.01 22.64
CA THR B 129 -9.90 -18.28 23.21
C THR B 129 -8.42 -18.28 23.46
N THR B 130 -7.99 -19.05 24.47
CA THR B 130 -6.58 -19.28 24.82
C THR B 130 -6.46 -20.74 25.27
N GLU B 131 -5.43 -21.45 24.76
CA GLU B 131 -5.11 -22.81 25.17
C GLU B 131 -4.43 -22.70 26.53
N MET B 132 -4.99 -23.34 27.53
CA MET B 132 -4.47 -23.26 28.90
C MET B 132 -4.30 -24.61 29.55
N LYS B 133 -3.51 -24.69 30.62
CA LYS B 133 -3.33 -25.96 31.33
C LYS B 133 -3.39 -25.83 32.84
N GLY B 134 -4.16 -26.73 33.44
CA GLY B 134 -4.31 -26.79 34.88
C GLY B 134 -3.22 -27.64 35.52
N PRO B 135 -3.20 -27.76 36.87
CA PRO B 135 -4.11 -27.11 37.83
C PRO B 135 -3.74 -25.64 38.05
N GLY B 136 -4.74 -24.84 38.36
CA GLY B 136 -4.53 -23.42 38.65
C GLY B 136 -5.75 -22.55 38.49
N THR B 137 -5.68 -21.37 39.10
CA THR B 137 -6.70 -20.31 39.01
C THR B 137 -5.97 -19.11 38.43
N PHE B 138 -6.63 -18.44 37.49
CA PHE B 138 -6.08 -17.32 36.72
C PHE B 138 -7.08 -16.22 36.61
N VAL B 139 -6.59 -15.00 36.45
CA VAL B 139 -7.42 -13.81 36.30
C VAL B 139 -7.16 -13.28 34.87
N ILE B 140 -8.24 -12.95 34.18
CA ILE B 140 -8.21 -12.38 32.82
C ILE B 140 -8.61 -10.91 32.91
N TYR B 141 -7.83 -10.06 32.25
CA TYR B 141 -8.10 -8.62 32.20
C TYR B 141 -8.11 -8.17 30.76
N GLN B 142 -8.74 -7.05 30.48
CA GLN B 142 -8.69 -6.45 29.15
C GLN B 142 -8.27 -4.98 29.26
N VAL B 143 -7.38 -4.54 28.35
CA VAL B 143 -6.91 -3.15 28.31
C VAL B 143 -8.06 -2.17 28.00
N VAL B 144 -8.18 -1.15 28.85
CA VAL B 144 -9.13 -0.06 28.69
C VAL B 144 -8.32 1.20 28.42
N LEU B 145 -8.73 1.96 27.40
CA LEU B 145 -8.14 3.26 27.05
C LEU B 145 -9.11 4.33 27.54
N VAL B 146 -8.61 5.27 28.33
CA VAL B 146 -9.37 6.36 28.98
C VAL B 146 -9.01 7.69 28.35
N TYR B 147 -10.04 8.48 28.06
CA TYR B 147 -9.94 9.79 27.43
C TYR B 147 -10.58 10.87 28.28
N ALA B 148 -9.99 12.06 28.30
CA ALA B 148 -10.54 13.22 28.97
C ALA B 148 -11.14 14.13 27.91
N HIS B 149 -12.25 14.76 28.23
CA HIS B 149 -12.94 15.59 27.25
C HIS B 149 -13.33 16.91 27.89
N ASN B 150 -13.36 17.96 27.06
CA ASN B 150 -13.95 19.24 27.42
C ASN B 150 -15.02 19.48 26.33
N ALA B 151 -16.29 19.20 26.66
CA ALA B 151 -17.40 19.44 25.75
C ALA B 151 -17.77 20.91 25.99
N THR B 152 -17.31 21.80 25.09
CA THR B 152 -17.50 23.23 25.29
C THR B 152 -18.98 23.61 25.26
N SER B 153 -19.38 24.46 26.21
CA SER B 153 -20.75 24.96 26.41
C SER B 153 -21.75 23.92 26.93
N ALA B 154 -21.32 22.65 27.12
CA ALA B 154 -22.25 21.57 27.51
C ALA B 154 -22.65 21.52 29.00
N GLY B 155 -21.98 22.32 29.83
CA GLY B 155 -22.12 22.34 31.28
C GLY B 155 -23.44 22.78 31.87
N ARG B 156 -24.18 23.67 31.18
CA ARG B 156 -25.46 24.17 31.71
C ARG B 156 -26.53 23.10 31.59
N GLN B 157 -26.57 22.42 30.43
CA GLN B 157 -27.55 21.38 30.14
C GLN B 157 -27.17 19.96 30.56
N ASN B 158 -25.86 19.65 30.64
CA ASN B 158 -25.45 18.29 30.96
C ASN B 158 -24.54 18.15 32.19
N ALA B 159 -24.76 18.99 33.23
CA ALA B 159 -23.99 18.93 34.48
C ALA B 159 -24.14 17.58 35.23
N ASN B 160 -25.21 16.81 34.92
CA ASN B 160 -25.50 15.52 35.56
C ASN B 160 -25.49 14.34 34.58
N ALA B 161 -25.06 14.58 33.34
CA ALA B 161 -24.93 13.56 32.29
C ALA B 161 -23.97 12.42 32.67
N PHE B 162 -22.91 12.72 33.45
CA PHE B 162 -21.88 11.76 33.79
C PHE B 162 -21.73 11.50 35.29
N ALA B 163 -21.25 10.27 35.64
CA ALA B 163 -21.04 9.84 37.03
C ALA B 163 -20.11 10.82 37.76
N TYR B 164 -19.02 11.19 37.08
CA TYR B 164 -18.04 12.12 37.58
C TYR B 164 -17.82 13.17 36.49
N SER B 165 -17.85 14.45 36.89
CA SER B 165 -17.63 15.56 35.94
C SER B 165 -17.27 16.84 36.65
N LYS B 166 -16.72 17.79 35.90
CA LYS B 166 -16.41 19.12 36.42
C LYS B 166 -16.98 20.12 35.42
N THR B 167 -17.49 21.24 35.94
CA THR B 167 -17.98 22.32 35.08
C THR B 167 -17.11 23.55 35.28
N GLN B 168 -16.95 24.35 34.22
CA GLN B 168 -16.11 25.55 34.30
C GLN B 168 -16.79 26.71 33.58
N ALA B 169 -17.15 27.76 34.32
CA ALA B 169 -17.75 28.96 33.74
C ALA B 169 -16.68 29.71 32.97
N VAL B 170 -16.88 29.91 31.66
CA VAL B 170 -15.96 30.64 30.78
C VAL B 170 -16.79 31.75 30.13
N GLY B 171 -16.71 32.94 30.72
CA GLY B 171 -17.51 34.07 30.28
C GLY B 171 -18.97 33.77 30.55
N SER B 172 -19.78 33.70 29.48
CA SER B 172 -21.23 33.40 29.55
C SER B 172 -21.56 31.89 29.49
N ARG B 173 -20.65 31.09 28.93
CA ARG B 173 -20.83 29.64 28.75
C ARG B 173 -20.28 28.81 29.92
N VAL B 174 -20.69 27.52 29.97
CA VAL B 174 -20.22 26.58 30.98
C VAL B 174 -19.69 25.35 30.25
N ASP B 175 -18.40 25.09 30.42
CA ASP B 175 -17.75 23.92 29.79
C ASP B 175 -17.95 22.68 30.65
N LEU B 176 -17.96 21.49 30.02
CA LEU B 176 -18.16 20.23 30.77
C LEU B 176 -16.97 19.28 30.57
N TYR B 177 -16.32 18.91 31.68
CA TYR B 177 -15.17 18.02 31.71
C TYR B 177 -15.56 16.67 32.25
N TYR B 178 -15.26 15.62 31.51
CA TYR B 178 -15.58 14.25 31.93
C TYR B 178 -14.62 13.27 31.29
N LEU B 179 -14.70 12.00 31.69
CA LEU B 179 -13.88 10.93 31.11
C LEU B 179 -14.75 9.90 30.41
N SER B 180 -14.20 9.27 29.37
CA SER B 180 -14.87 8.17 28.69
C SER B 180 -13.84 7.06 28.54
N ALA B 181 -14.31 5.85 28.21
CA ALA B 181 -13.43 4.68 28.12
C ALA B 181 -13.90 3.72 27.07
N ILE B 182 -12.92 3.16 26.32
CA ILE B 182 -13.16 2.15 25.30
C ILE B 182 -12.14 1.03 25.54
N THR B 183 -12.35 -0.14 24.94
CA THR B 183 -11.38 -1.23 25.07
C THR B 183 -10.46 -1.27 23.86
N GLN B 184 -9.32 -1.94 24.07
CA GLN B 184 -8.34 -2.29 23.05
C GLN B 184 -8.40 -3.83 22.92
N ARG B 185 -8.03 -4.37 21.75
CA ARG B 185 -8.00 -5.82 21.50
C ARG B 185 -6.71 -6.41 22.13
N LYS B 186 -6.65 -6.34 23.47
CA LYS B 186 -5.49 -6.79 24.22
C LYS B 186 -5.96 -7.26 25.58
N ARG B 187 -5.57 -8.49 25.92
CA ARG B 187 -5.94 -9.11 27.19
C ARG B 187 -4.74 -9.70 27.87
N VAL B 188 -4.79 -9.75 29.20
CA VAL B 188 -3.72 -10.28 30.02
C VAL B 188 -4.28 -11.41 30.88
N ILE B 189 -3.53 -12.49 31.03
CA ILE B 189 -3.90 -13.63 31.89
C ILE B 189 -2.78 -13.80 32.91
N VAL B 190 -3.11 -13.80 34.20
CA VAL B 190 -2.09 -13.95 35.24
C VAL B 190 -2.55 -14.99 36.26
N PRO B 191 -1.64 -15.78 36.84
CA PRO B 191 -2.06 -16.73 37.90
C PRO B 191 -2.63 -15.92 39.09
N SER B 192 -3.70 -16.45 39.74
CA SER B 192 -4.37 -15.80 40.87
CA SER B 192 -4.36 -15.79 40.87
C SER B 192 -3.42 -15.40 42.01
N SER B 193 -2.38 -16.21 42.29
CA SER B 193 -1.40 -15.93 43.36
C SER B 193 -0.59 -14.63 43.13
N ASN B 194 -0.44 -14.22 41.87
CA ASN B 194 0.28 -13.03 41.43
C ASN B 194 -0.67 -11.88 41.08
N ALA B 195 -1.98 -12.16 40.92
CA ALA B 195 -2.97 -11.18 40.50
C ALA B 195 -3.13 -9.98 41.40
N VAL B 196 -3.18 -8.81 40.78
CA VAL B 196 -3.40 -7.54 41.45
C VAL B 196 -4.91 -7.23 41.44
N THR B 197 -5.39 -6.46 42.42
CA THR B 197 -6.77 -6.02 42.50
C THR B 197 -6.93 -5.05 41.31
N PRO B 198 -7.80 -5.34 40.33
CA PRO B 198 -7.87 -4.43 39.17
C PRO B 198 -8.52 -3.11 39.53
N LEU B 199 -8.08 -2.05 38.86
CA LEU B 199 -8.71 -0.74 39.02
C LEU B 199 -10.12 -0.84 38.40
N ASP B 200 -11.07 -0.10 38.95
CA ASP B 200 -12.44 -0.08 38.44
C ASP B 200 -12.71 1.32 37.91
N TRP B 201 -13.75 1.48 37.13
CA TRP B 201 -14.12 2.74 36.50
C TRP B 201 -14.36 3.88 37.50
N ASP B 202 -14.94 3.59 38.69
CA ASP B 202 -15.16 4.64 39.70
C ASP B 202 -13.82 5.18 40.25
N THR B 203 -12.92 4.27 40.66
CA THR B 203 -11.59 4.64 41.18
C THR B 203 -10.82 5.43 40.11
N VAL B 204 -10.88 4.96 38.85
CA VAL B 204 -10.18 5.65 37.77
C VAL B 204 -10.67 7.10 37.61
N GLN B 205 -11.99 7.33 37.54
CA GLN B 205 -12.55 8.69 37.38
C GLN B 205 -12.22 9.58 38.57
N ARG B 206 -12.36 9.03 39.79
CA ARG B 206 -12.07 9.79 40.99
C ARG B 206 -10.61 10.26 40.98
N ASN B 207 -9.69 9.37 40.64
CA ASN B 207 -8.28 9.68 40.70
C ASN B 207 -7.74 10.42 39.49
N VAL B 208 -8.22 10.11 38.29
CA VAL B 208 -7.71 10.77 37.08
C VAL B 208 -8.31 12.16 36.91
N LEU B 209 -9.64 12.28 36.97
CA LEU B 209 -10.31 13.55 36.75
C LEU B 209 -10.50 14.34 38.04
N MET B 210 -11.11 13.74 39.08
CA MET B 210 -11.42 14.54 40.25
C MET B 210 -10.21 15.04 41.03
N GLU B 211 -9.21 14.16 41.24
CA GLU B 211 -8.02 14.51 42.00
CA GLU B 211 -8.00 14.50 42.00
C GLU B 211 -6.85 15.01 41.14
N ASN B 212 -6.83 14.71 39.83
CA ASN B 212 -5.67 15.10 39.03
C ASN B 212 -5.91 16.03 37.83
N TYR B 213 -7.00 16.78 37.82
CA TYR B 213 -7.21 17.75 36.75
C TYR B 213 -7.92 19.00 37.27
N ASN B 214 -7.32 20.18 37.01
CA ASN B 214 -7.83 21.47 37.44
C ASN B 214 -8.27 22.27 36.20
N PRO B 215 -9.59 22.34 35.92
CA PRO B 215 -10.03 23.09 34.72
C PRO B 215 -9.68 24.57 34.75
N GLY B 216 -9.59 25.16 35.94
CA GLY B 216 -9.26 26.58 36.10
C GLY B 216 -7.94 26.99 35.48
N SER B 217 -6.95 26.09 35.54
CA SER B 217 -5.61 26.34 35.03
C SER B 217 -5.16 25.32 33.97
N ASN B 218 -6.03 24.37 33.57
CA ASN B 218 -5.65 23.29 32.63
C ASN B 218 -4.37 22.58 33.14
N SER B 219 -4.31 22.37 34.45
CA SER B 219 -3.13 21.76 35.11
C SER B 219 -3.54 20.52 35.90
N GLY B 220 -2.55 19.75 36.33
CA GLY B 220 -2.76 18.52 37.08
C GLY B 220 -1.80 17.47 36.59
N HIS B 221 -2.27 16.24 36.36
CA HIS B 221 -1.36 15.22 35.85
C HIS B 221 -1.35 15.20 34.30
N PHE B 222 -2.24 16.00 33.69
CA PHE B 222 -2.32 16.14 32.23
C PHE B 222 -2.89 17.50 31.91
N SER B 223 -2.75 17.92 30.66
CA SER B 223 -3.31 19.19 30.18
C SER B 223 -3.85 18.98 28.76
N PHE B 224 -4.93 19.69 28.42
CA PHE B 224 -5.45 19.64 27.04
C PHE B 224 -4.58 20.55 26.19
N ASP B 225 -4.44 20.19 24.92
CA ASP B 225 -3.73 21.02 23.95
C ASP B 225 -4.81 21.69 23.08
N TRP B 226 -5.17 22.93 23.43
CA TRP B 226 -6.24 23.70 22.76
C TRP B 226 -5.88 24.05 21.30
N SER B 227 -4.59 23.93 20.91
CA SER B 227 -4.15 24.21 19.52
C SER B 227 -4.81 23.28 18.50
N ALA B 228 -5.43 22.16 18.96
CA ALA B 228 -6.20 21.26 18.10
C ALA B 228 -7.25 22.05 17.32
N TYR B 229 -7.85 23.09 17.97
CA TYR B 229 -8.88 23.91 17.31
C TYR B 229 -8.37 24.54 16.01
N ASN B 230 -7.08 24.88 15.95
CA ASN B 230 -6.48 25.54 14.80
C ASN B 230 -5.72 24.62 13.86
N ASP B 231 -5.62 23.32 14.18
CA ASP B 231 -4.88 22.36 13.39
C ASP B 231 -5.82 21.54 12.51
N PRO B 232 -5.88 21.82 11.18
CA PRO B 232 -6.84 21.11 10.32
C PRO B 232 -6.86 19.58 10.45
N HIS B 233 -5.69 18.91 10.47
CA HIS B 233 -5.68 17.43 10.52
C HIS B 233 -6.20 16.85 11.85
N ARG B 234 -6.29 17.69 12.91
CA ARG B 234 -6.77 17.24 14.23
C ARG B 234 -8.26 17.57 14.47
N ARG B 235 -8.93 18.12 13.46
CA ARG B 235 -10.34 18.44 13.54
C ARG B 235 -11.05 17.35 12.78
N TYR B 236 -11.76 16.46 13.50
CA TYR B 236 -12.38 15.29 12.88
C TYR B 236 -13.82 15.50 12.42
N GLY C 2 -1.39 -9.80 -45.42
CA GLY C 2 -1.56 -8.34 -45.33
C GLY C 2 -0.34 -7.62 -44.80
N ARG C 3 0.88 -8.17 -45.07
CA ARG C 3 2.17 -7.61 -44.65
C ARG C 3 2.20 -7.18 -43.18
N PHE C 4 1.74 -8.08 -42.27
CA PHE C 4 1.72 -7.78 -40.83
C PHE C 4 3.12 -7.55 -40.27
N ASP C 5 4.17 -7.84 -41.08
CA ASP C 5 5.55 -7.55 -40.73
C ASP C 5 5.76 -6.02 -40.68
N GLN C 6 4.84 -5.24 -41.31
CA GLN C 6 4.87 -3.76 -41.33
C GLN C 6 4.60 -3.21 -39.92
N TYR C 7 3.88 -3.97 -39.07
CA TYR C 7 3.54 -3.49 -37.73
C TYR C 7 4.71 -3.65 -36.77
N PRO C 8 4.95 -2.67 -35.88
CA PRO C 8 6.07 -2.80 -34.94
C PRO C 8 5.69 -3.73 -33.78
N THR C 9 6.66 -4.09 -32.96
CA THR C 9 6.45 -4.94 -31.77
C THR C 9 6.61 -4.00 -30.56
N LYS C 10 5.67 -4.09 -29.63
CA LYS C 10 5.68 -3.26 -28.44
C LYS C 10 5.63 -4.12 -27.18
N LYS C 11 6.33 -3.69 -26.12
CA LYS C 11 6.34 -4.42 -24.86
C LYS C 11 5.76 -3.55 -23.76
N GLY C 12 4.58 -3.92 -23.27
CA GLY C 12 3.89 -3.21 -22.19
C GLY C 12 3.04 -2.03 -22.59
N ASP C 13 2.17 -1.57 -21.65
CA ASP C 13 1.27 -0.43 -21.89
C ASP C 13 1.97 0.88 -22.24
N PHE C 14 3.15 1.16 -21.66
CA PHE C 14 3.83 2.43 -22.01
C PHE C 14 4.26 2.43 -23.47
N ALA C 15 4.71 1.26 -23.99
CA ALA C 15 5.12 1.15 -25.40
C ALA C 15 3.90 1.18 -26.32
N ILE C 16 2.78 0.52 -25.94
CA ILE C 16 1.56 0.56 -26.74
C ILE C 16 1.07 2.03 -26.77
N ASP C 17 1.12 2.73 -25.63
CA ASP C 17 0.78 4.15 -25.57
C ASP C 17 1.63 4.99 -26.51
N GLY C 18 2.94 4.76 -26.52
CA GLY C 18 3.87 5.43 -27.44
C GLY C 18 3.44 5.28 -28.89
N TYR C 19 3.02 4.06 -29.27
CA TYR C 19 2.54 3.76 -30.61
C TYR C 19 1.25 4.58 -30.91
N LEU C 20 0.26 4.52 -30.02
CA LEU C 20 -1.02 5.19 -30.20
C LEU C 20 -0.96 6.72 -30.11
N LEU C 21 -0.02 7.24 -29.29
CA LEU C 21 0.18 8.70 -29.11
C LEU C 21 1.06 9.33 -30.19
N ASP C 22 1.53 8.51 -31.15
CA ASP C 22 2.27 8.96 -32.32
C ASP C 22 1.19 9.14 -33.39
N TYR C 23 0.72 10.36 -33.51
CA TYR C 23 -0.33 10.73 -34.46
C TYR C 23 0.28 11.28 -35.77
N SER C 24 1.58 11.00 -36.01
CA SER C 24 2.24 11.44 -37.27
C SER C 24 1.77 10.64 -38.49
N SER C 25 1.21 9.43 -38.24
CA SER C 25 0.68 8.50 -39.24
CA SER C 25 0.67 8.52 -39.25
C SER C 25 -0.50 7.71 -38.65
N PRO C 26 -1.51 7.27 -39.46
CA PRO C 26 -2.61 6.50 -38.87
C PRO C 26 -2.11 5.15 -38.35
N LYS C 27 -2.67 4.72 -37.20
CA LYS C 27 -2.28 3.47 -36.56
CA LYS C 27 -2.28 3.47 -36.57
C LYS C 27 -3.41 2.45 -36.59
N GLN C 28 -3.07 1.16 -36.81
CA GLN C 28 -4.03 0.06 -36.87
C GLN C 28 -3.78 -0.96 -35.76
N GLY C 29 -2.51 -1.29 -35.54
CA GLY C 29 -2.17 -2.31 -34.56
C GLY C 29 -0.69 -2.57 -34.44
N CYS C 30 -0.33 -3.38 -33.44
CA CYS C 30 1.05 -3.72 -33.17
C CYS C 30 1.15 -5.10 -32.57
N TRP C 31 2.29 -5.75 -32.82
CA TRP C 31 2.61 -7.04 -32.22
C TRP C 31 2.94 -6.77 -30.77
N VAL C 32 2.62 -7.72 -29.88
CA VAL C 32 2.88 -7.52 -28.46
C VAL C 32 3.93 -8.52 -27.99
N ASP C 33 4.96 -8.02 -27.33
CA ASP C 33 5.98 -8.86 -26.71
C ASP C 33 5.49 -9.09 -25.27
N GLY C 34 4.97 -10.29 -25.01
CA GLY C 34 4.46 -10.65 -23.70
C GLY C 34 4.90 -12.02 -23.22
N ILE C 35 4.65 -12.30 -21.95
CA ILE C 35 5.06 -13.57 -21.35
C ILE C 35 4.08 -14.69 -21.58
N THR C 36 4.52 -15.95 -21.34
CA THR C 36 3.64 -17.12 -21.42
C THR C 36 3.31 -17.56 -19.99
N VAL C 37 2.03 -17.91 -19.78
CA VAL C 37 1.51 -18.49 -18.54
C VAL C 37 0.91 -19.87 -18.88
N TYR C 38 0.65 -20.67 -17.85
CA TYR C 38 0.10 -22.00 -18.02
C TYR C 38 -1.05 -22.23 -17.03
N GLY C 39 -2.17 -22.74 -17.54
CA GLY C 39 -3.32 -23.03 -16.68
C GLY C 39 -4.49 -23.53 -17.46
N ASP C 40 -5.61 -23.79 -16.77
CA ASP C 40 -6.82 -24.29 -17.42
C ASP C 40 -7.54 -23.25 -18.27
N ILE C 41 -8.10 -23.74 -19.37
CA ILE C 41 -9.05 -23.05 -20.24
C ILE C 41 -10.10 -24.11 -20.57
N TYR C 42 -11.38 -23.78 -20.32
CA TYR C 42 -12.50 -24.67 -20.63
C TYR C 42 -12.88 -24.57 -22.11
N ILE C 43 -12.74 -25.66 -22.85
CA ILE C 43 -13.08 -25.70 -24.29
C ILE C 43 -13.87 -26.98 -24.58
N GLY C 44 -15.09 -26.80 -25.12
CA GLY C 44 -15.95 -27.91 -25.49
C GLY C 44 -16.64 -28.58 -24.32
N LYS C 45 -16.00 -29.63 -23.75
CA LYS C 45 -16.59 -30.42 -22.66
C LYS C 45 -15.75 -30.48 -21.38
N GLN C 46 -14.55 -29.87 -21.37
CA GLN C 46 -13.65 -29.93 -20.20
C GLN C 46 -12.59 -28.83 -20.22
N ASN C 47 -11.82 -28.76 -19.12
CA ASN C 47 -10.66 -27.90 -18.98
C ASN C 47 -9.47 -28.57 -19.63
N TRP C 48 -8.59 -27.76 -20.24
CA TRP C 48 -7.36 -28.22 -20.88
C TRP C 48 -6.19 -27.43 -20.30
N GLY C 49 -5.03 -28.09 -20.11
CA GLY C 49 -3.79 -27.44 -19.69
C GLY C 49 -3.34 -26.60 -20.88
N THR C 50 -3.39 -25.28 -20.71
CA THR C 50 -3.16 -24.36 -21.82
C THR C 50 -2.05 -23.38 -21.57
N TYR C 51 -1.22 -23.18 -22.60
CA TYR C 51 -0.21 -22.13 -22.57
C TYR C 51 -0.84 -20.92 -23.24
N THR C 52 -0.69 -19.73 -22.63
CA THR C 52 -1.23 -18.47 -23.17
C THR C 52 -0.21 -17.36 -23.15
N ARG C 53 -0.15 -16.57 -24.22
CA ARG C 53 0.72 -15.39 -24.24
C ARG C 53 0.05 -14.29 -25.08
N PRO C 54 0.25 -12.99 -24.74
CA PRO C 54 -0.25 -11.92 -25.62
C PRO C 54 0.56 -11.90 -26.93
N VAL C 55 -0.08 -11.59 -28.06
CA VAL C 55 0.66 -11.56 -29.33
C VAL C 55 0.41 -10.30 -30.17
N PHE C 56 -0.76 -9.68 -30.00
CA PHE C 56 -1.13 -8.53 -30.82
C PHE C 56 -2.09 -7.61 -30.11
N ALA C 57 -2.17 -6.35 -30.57
CA ALA C 57 -3.08 -5.36 -30.03
C ALA C 57 -3.52 -4.53 -31.23
N TYR C 58 -4.84 -4.31 -31.36
CA TYR C 58 -5.35 -3.52 -32.49
C TYR C 58 -6.57 -2.70 -32.11
N LEU C 59 -6.89 -1.73 -32.97
CA LEU C 59 -8.05 -0.86 -32.75
C LEU C 59 -9.25 -1.39 -33.52
N GLN C 60 -10.34 -1.67 -32.81
CA GLN C 60 -11.56 -2.11 -33.47
C GLN C 60 -12.58 -0.99 -33.47
N TYR C 61 -13.36 -0.92 -34.53
CA TYR C 61 -14.37 0.13 -34.70
C TYR C 61 -15.46 0.12 -33.60
N VAL C 62 -15.77 1.31 -33.05
CA VAL C 62 -16.86 1.46 -32.07
C VAL C 62 -18.03 2.20 -32.75
N GLU C 63 -17.79 3.44 -33.21
CA GLU C 63 -18.84 4.24 -33.84
C GLU C 63 -18.30 5.44 -34.59
N THR C 64 -19.19 6.07 -35.37
CA THR C 64 -18.94 7.28 -36.14
C THR C 64 -19.76 8.41 -35.49
N ILE C 65 -19.21 9.61 -35.48
CA ILE C 65 -19.88 10.77 -34.93
C ILE C 65 -19.94 11.87 -35.97
N SER C 66 -21.11 12.52 -36.11
CA SER C 66 -21.25 13.67 -36.99
CA SER C 66 -21.30 13.66 -37.00
C SER C 66 -21.76 14.85 -36.15
N ILE C 67 -20.91 15.90 -36.05
CA ILE C 67 -21.21 17.10 -35.27
C ILE C 67 -21.00 18.30 -36.15
N PRO C 68 -22.01 18.69 -36.96
CA PRO C 68 -21.82 19.81 -37.90
C PRO C 68 -21.71 21.21 -37.28
N GLN C 69 -22.20 21.38 -36.03
CA GLN C 69 -22.18 22.69 -35.37
C GLN C 69 -20.90 22.96 -34.61
N ASN C 70 -20.43 24.22 -34.66
CA ASN C 70 -19.23 24.67 -33.97
C ASN C 70 -19.57 24.97 -32.50
N VAL C 71 -19.88 23.91 -31.73
CA VAL C 71 -20.24 23.93 -30.30
C VAL C 71 -19.64 22.71 -29.58
N THR C 72 -19.54 22.75 -28.24
CA THR C 72 -19.09 21.63 -27.43
C THR C 72 -20.34 20.79 -27.07
N THR C 73 -20.28 19.47 -27.34
CA THR C 73 -21.40 18.56 -27.05
C THR C 73 -20.89 17.34 -26.29
N THR C 74 -21.67 16.86 -25.32
CA THR C 74 -21.35 15.66 -24.55
C THR C 74 -21.84 14.45 -25.36
N LEU C 75 -20.91 13.60 -25.78
CA LEU C 75 -21.18 12.42 -26.60
C LEU C 75 -21.19 11.20 -25.71
N SER C 76 -22.13 10.27 -25.97
CA SER C 76 -22.27 9.03 -25.23
CA SER C 76 -22.25 9.01 -25.23
C SER C 76 -22.16 7.85 -26.21
N TYR C 77 -21.36 6.83 -25.89
CA TYR C 77 -21.18 5.68 -26.77
C TYR C 77 -20.95 4.44 -25.94
N GLN C 78 -21.08 3.27 -26.55
CA GLN C 78 -20.93 2.00 -25.85
C GLN C 78 -19.56 1.42 -26.12
N LEU C 79 -18.81 1.15 -25.04
CA LEU C 79 -17.54 0.43 -25.14
C LEU C 79 -17.85 -0.97 -24.58
N THR C 80 -16.94 -1.95 -24.77
CA THR C 80 -17.19 -3.29 -24.23
C THR C 80 -16.04 -3.71 -23.35
N LYS C 81 -16.30 -4.63 -22.43
CA LYS C 81 -15.34 -5.24 -21.51
C LYS C 81 -15.48 -6.75 -21.63
N GLY C 82 -14.40 -7.47 -21.33
CA GLY C 82 -14.36 -8.92 -21.46
C GLY C 82 -13.91 -9.32 -22.83
N HIS C 83 -14.25 -10.55 -23.26
CA HIS C 83 -13.91 -11.02 -24.60
C HIS C 83 -14.63 -10.15 -25.64
N THR C 84 -14.04 -10.02 -26.82
CA THR C 84 -14.66 -9.21 -27.88
C THR C 84 -15.90 -9.89 -28.42
N ARG C 85 -16.78 -9.09 -29.06
CA ARG C 85 -18.00 -9.58 -29.68
C ARG C 85 -17.61 -10.48 -30.85
N SER C 86 -16.56 -10.08 -31.60
CA SER C 86 -16.03 -10.83 -32.72
C SER C 86 -15.52 -12.19 -32.26
N PHE C 87 -14.82 -12.25 -31.11
CA PHE C 87 -14.35 -13.54 -30.61
C PHE C 87 -15.54 -14.42 -30.18
N GLU C 88 -16.48 -13.86 -29.40
CA GLU C 88 -17.66 -14.59 -28.93
C GLU C 88 -18.50 -15.19 -30.06
N THR C 89 -18.70 -14.46 -31.18
CA THR C 89 -19.51 -14.98 -32.29
C THR C 89 -18.77 -15.98 -33.17
N SER C 90 -17.43 -15.97 -33.13
CA SER C 90 -16.58 -16.85 -33.94
C SER C 90 -16.37 -18.26 -33.37
N VAL C 91 -16.57 -18.44 -32.05
CA VAL C 91 -16.37 -19.72 -31.35
CA VAL C 91 -16.35 -19.71 -31.36
C VAL C 91 -17.56 -20.65 -31.57
N ASN C 92 -17.28 -21.87 -32.05
CA ASN C 92 -18.21 -22.95 -32.38
C ASN C 92 -18.26 -24.03 -31.26
N ALA C 93 -18.05 -23.62 -29.99
CA ALA C 93 -18.05 -24.50 -28.81
C ALA C 93 -18.19 -23.70 -27.52
N LYS C 94 -18.49 -24.38 -26.40
CA LYS C 94 -18.54 -23.77 -25.07
C LYS C 94 -17.09 -23.34 -24.71
N TYR C 95 -16.93 -22.15 -24.11
CA TYR C 95 -15.61 -21.57 -23.81
C TYR C 95 -15.65 -20.70 -22.58
N SER C 96 -14.69 -20.92 -21.64
CA SER C 96 -14.61 -20.20 -20.37
CA SER C 96 -14.57 -20.12 -20.44
C SER C 96 -13.18 -20.21 -19.82
N VAL C 97 -12.82 -19.19 -19.08
CA VAL C 97 -11.51 -19.14 -18.42
C VAL C 97 -11.63 -18.43 -17.08
N GLY C 98 -10.90 -18.92 -16.09
CA GLY C 98 -10.87 -18.33 -14.76
C GLY C 98 -10.19 -16.99 -14.77
N ALA C 99 -10.59 -16.10 -13.85
CA ALA C 99 -10.06 -14.74 -13.72
C ALA C 99 -8.53 -14.64 -13.55
N ASN C 100 -7.92 -15.69 -12.93
CA ASN C 100 -6.50 -15.68 -12.62
C ASN C 100 -5.59 -15.79 -13.84
N ILE C 101 -6.15 -16.03 -15.06
CA ILE C 101 -5.33 -16.02 -16.28
C ILE C 101 -4.77 -14.59 -16.48
N ASP C 102 -5.37 -13.57 -15.81
CA ASP C 102 -4.94 -12.18 -15.94
C ASP C 102 -3.51 -11.93 -15.50
N ILE C 103 -2.86 -12.91 -14.81
CA ILE C 103 -1.44 -12.79 -14.51
C ILE C 103 -0.62 -12.71 -15.83
N VAL C 104 -1.19 -13.15 -16.97
CA VAL C 104 -0.50 -13.02 -18.27
C VAL C 104 -0.31 -11.52 -18.60
N ASN C 105 -1.29 -10.69 -18.20
CA ASN C 105 -1.22 -9.25 -18.42
C ASN C 105 -0.26 -8.59 -17.45
N VAL C 106 -0.42 -8.85 -16.14
CA VAL C 106 0.49 -8.29 -15.13
C VAL C 106 1.95 -8.57 -15.51
N GLY C 107 2.25 -9.83 -15.85
CA GLY C 107 3.59 -10.23 -16.25
C GLY C 107 4.11 -9.56 -17.51
N SER C 108 3.19 -9.13 -18.41
CA SER C 108 3.50 -8.47 -19.68
C SER C 108 3.43 -6.96 -19.58
N GLU C 109 3.30 -6.42 -18.35
CA GLU C 109 3.24 -4.98 -18.13
C GLU C 109 2.02 -4.33 -18.85
N ILE C 110 0.90 -5.08 -18.87
CA ILE C 110 -0.38 -4.68 -19.46
C ILE C 110 -1.48 -4.74 -18.37
N SER C 111 -2.36 -3.72 -18.35
CA SER C 111 -3.49 -3.71 -17.44
C SER C 111 -4.74 -3.52 -18.29
N THR C 112 -5.78 -4.34 -18.09
CA THR C 112 -7.00 -4.19 -18.91
C THR C 112 -7.80 -2.93 -18.54
N GLY C 113 -7.71 -2.51 -17.28
CA GLY C 113 -8.49 -1.40 -16.73
C GLY C 113 -9.86 -1.86 -16.27
N PHE C 114 -10.10 -3.18 -16.33
CA PHE C 114 -11.36 -3.78 -15.89
C PHE C 114 -11.10 -4.63 -14.65
N THR C 115 -12.16 -5.01 -13.93
CA THR C 115 -12.00 -5.83 -12.72
C THR C 115 -11.63 -7.26 -13.08
N ARG C 116 -11.27 -8.02 -12.04
CA ARG C 116 -10.89 -9.43 -12.14
C ARG C 116 -12.00 -10.24 -12.79
N SER C 117 -13.26 -10.04 -12.33
CA SER C 117 -14.44 -10.74 -12.82
C SER C 117 -14.88 -10.30 -14.22
N GLU C 118 -14.38 -9.16 -14.73
CA GLU C 118 -14.77 -8.62 -16.02
C GLU C 118 -13.83 -8.92 -17.19
N SER C 119 -12.52 -8.74 -16.99
CA SER C 119 -11.52 -8.78 -18.07
C SER C 119 -11.58 -10.00 -19.00
N TRP C 120 -11.85 -11.21 -18.44
CA TRP C 120 -11.88 -12.42 -19.24
C TRP C 120 -13.25 -13.12 -19.27
N SER C 121 -14.33 -12.37 -18.97
CA SER C 121 -15.67 -12.94 -19.00
CA SER C 121 -15.69 -12.88 -18.99
C SER C 121 -16.33 -12.69 -20.38
N THR C 122 -17.65 -12.88 -20.50
CA THR C 122 -18.37 -12.69 -21.75
C THR C 122 -18.42 -11.18 -22.10
N THR C 123 -18.63 -10.83 -23.37
CA THR C 123 -18.70 -9.43 -23.81
C THR C 123 -19.80 -8.68 -23.02
N GLN C 124 -19.46 -7.51 -22.45
CA GLN C 124 -20.44 -6.68 -21.72
C GLN C 124 -20.29 -5.24 -22.14
N SER C 125 -21.39 -4.62 -22.61
CA SER C 125 -21.37 -3.21 -23.00
C SER C 125 -21.41 -2.30 -21.78
N PHE C 126 -20.78 -1.13 -21.88
CA PHE C 126 -20.81 -0.11 -20.85
C PHE C 126 -20.74 1.26 -21.50
N THR C 127 -21.45 2.21 -20.91
CA THR C 127 -21.52 3.56 -21.42
C THR C 127 -20.26 4.35 -21.06
N ASP C 128 -19.71 5.05 -22.05
CA ASP C 128 -18.60 5.96 -21.88
C ASP C 128 -19.00 7.31 -22.49
N THR C 129 -18.47 8.42 -21.97
CA THR C 129 -18.81 9.75 -22.47
C THR C 129 -17.55 10.60 -22.73
N THR C 130 -17.63 11.49 -23.72
CA THR C 130 -16.56 12.43 -24.06
C THR C 130 -17.22 13.75 -24.51
N GLU C 131 -16.74 14.89 -23.98
CA GLU C 131 -17.21 16.21 -24.41
C GLU C 131 -16.38 16.54 -25.65
N MET C 132 -17.04 16.77 -26.78
CA MET C 132 -16.38 16.98 -28.04
C MET C 132 -16.72 18.30 -28.67
N LYS C 133 -15.74 18.89 -29.34
CA LYS C 133 -15.89 20.17 -30.04
C LYS C 133 -16.13 19.89 -31.51
N GLY C 134 -17.20 20.45 -32.04
CA GLY C 134 -17.49 20.41 -33.47
C GLY C 134 -16.75 21.55 -34.12
N PRO C 135 -16.79 21.70 -35.46
CA PRO C 135 -17.50 20.87 -36.45
C PRO C 135 -16.66 19.71 -37.02
N GLY C 136 -17.34 18.68 -37.49
CA GLY C 136 -16.67 17.57 -38.16
C GLY C 136 -17.29 16.21 -37.98
N THR C 137 -16.63 15.21 -38.58
CA THR C 137 -17.02 13.79 -38.49
CA THR C 137 -17.03 13.80 -38.52
C THR C 137 -15.84 13.05 -37.88
N PHE C 138 -16.13 12.18 -36.91
CA PHE C 138 -15.11 11.47 -36.16
C PHE C 138 -15.38 10.00 -36.02
N VAL C 139 -14.33 9.23 -35.73
CA VAL C 139 -14.44 7.81 -35.54
C VAL C 139 -13.83 7.41 -34.21
N ILE C 140 -14.54 6.56 -33.45
CA ILE C 140 -14.13 6.01 -32.16
C ILE C 140 -13.74 4.55 -32.36
N TYR C 141 -12.57 4.17 -31.82
CA TYR C 141 -12.06 2.80 -31.85
C TYR C 141 -11.74 2.38 -30.41
N GLN C 142 -11.80 1.08 -30.10
CA GLN C 142 -11.39 0.59 -28.78
C GLN C 142 -10.24 -0.40 -28.97
N VAL C 143 -9.28 -0.36 -28.03
CA VAL C 143 -8.14 -1.27 -28.06
C VAL C 143 -8.59 -2.72 -27.74
N VAL C 144 -8.13 -3.65 -28.56
CA VAL C 144 -8.34 -5.08 -28.43
C VAL C 144 -6.99 -5.72 -28.15
N LEU C 145 -6.95 -6.57 -27.13
CA LEU C 145 -5.74 -7.35 -26.76
C LEU C 145 -5.95 -8.79 -27.26
N VAL C 146 -5.01 -9.29 -28.08
CA VAL C 146 -5.03 -10.61 -28.73
C VAL C 146 -4.02 -11.54 -28.07
N TYR C 147 -4.46 -12.77 -27.77
CA TYR C 147 -3.63 -13.81 -27.12
C TYR C 147 -3.59 -15.05 -28.00
N ALA C 148 -2.44 -15.74 -28.00
CA ALA C 148 -2.28 -17.03 -28.67
C ALA C 148 -2.30 -18.08 -27.59
N HIS C 149 -2.90 -19.24 -27.89
CA HIS C 149 -3.03 -20.32 -26.91
C HIS C 149 -2.65 -21.65 -27.52
N ASN C 150 -2.08 -22.53 -26.70
CA ASN C 150 -1.88 -23.92 -27.06
C ASN C 150 -2.63 -24.68 -25.96
N ALA C 151 -3.85 -25.14 -26.27
CA ALA C 151 -4.64 -25.94 -25.33
C ALA C 151 -4.17 -27.39 -25.58
N THR C 152 -3.27 -27.88 -24.71
CA THR C 152 -2.68 -29.21 -24.89
C THR C 152 -3.74 -30.30 -24.87
N SER C 153 -3.62 -31.26 -25.82
CA SER C 153 -4.54 -32.40 -25.95
C SER C 153 -5.96 -32.06 -26.46
N ALA C 154 -6.31 -30.75 -26.61
CA ALA C 154 -7.67 -30.35 -27.04
C ALA C 154 -8.01 -30.56 -28.52
N GLY C 155 -7.01 -30.83 -29.35
CA GLY C 155 -7.14 -30.94 -30.79
C GLY C 155 -7.98 -32.06 -31.39
N ARG C 156 -8.17 -33.19 -30.67
CA ARG C 156 -8.97 -34.30 -31.21
C ARG C 156 -10.46 -34.01 -31.07
N GLN C 157 -10.86 -33.45 -29.94
CA GLN C 157 -12.24 -33.12 -29.60
C GLN C 157 -12.69 -31.74 -30.09
N ASN C 158 -11.75 -30.76 -30.14
CA ASN C 158 -12.12 -29.38 -30.47
C ASN C 158 -11.43 -28.80 -31.73
N ALA C 159 -11.17 -29.65 -32.75
CA ALA C 159 -10.56 -29.26 -34.03
C ALA C 159 -11.40 -28.21 -34.80
N ASN C 160 -12.70 -28.13 -34.48
CA ASN C 160 -13.65 -27.24 -35.15
C ASN C 160 -14.29 -26.22 -34.21
N ALA C 161 -13.76 -26.12 -32.96
CA ALA C 161 -14.24 -25.19 -31.94
C ALA C 161 -14.06 -23.72 -32.31
N PHE C 162 -12.99 -23.40 -33.06
CA PHE C 162 -12.66 -22.02 -33.40
C PHE C 162 -12.65 -21.76 -34.89
N ALA C 163 -13.01 -20.52 -35.29
CA ALA C 163 -13.04 -20.07 -36.69
C ALA C 163 -11.70 -20.42 -37.40
N TYR C 164 -10.55 -20.02 -36.82
CA TYR C 164 -9.21 -20.31 -37.31
C TYR C 164 -8.47 -21.04 -36.20
N SER C 165 -7.73 -22.10 -36.55
CA SER C 165 -6.95 -22.90 -35.58
C SER C 165 -5.96 -23.82 -36.27
N LYS C 166 -4.97 -24.32 -35.53
CA LYS C 166 -3.98 -25.26 -36.03
C LYS C 166 -3.89 -26.41 -35.03
N THR C 167 -3.76 -27.63 -35.55
CA THR C 167 -3.61 -28.80 -34.68
C THR C 167 -2.21 -29.34 -34.85
N GLN C 168 -1.64 -29.92 -33.78
CA GLN C 168 -0.29 -30.46 -33.86
C GLN C 168 -0.23 -31.78 -33.10
N ALA C 169 0.16 -32.86 -33.79
CA ALA C 169 0.31 -34.17 -33.16
C ALA C 169 1.61 -34.18 -32.35
N VAL C 170 1.52 -34.54 -31.08
CA VAL C 170 2.66 -34.66 -30.14
C VAL C 170 2.51 -36.07 -29.56
N GLY C 171 3.18 -37.03 -30.18
CA GLY C 171 3.03 -38.43 -29.81
C GLY C 171 1.58 -38.88 -30.04
N SER C 172 0.90 -39.30 -28.95
CA SER C 172 -0.49 -39.78 -28.97
C SER C 172 -1.55 -38.66 -28.96
N ARG C 173 -1.20 -37.50 -28.39
CA ARG C 173 -2.14 -36.37 -28.25
C ARG C 173 -2.12 -35.40 -29.45
N VAL C 174 -3.10 -34.50 -29.47
CA VAL C 174 -3.20 -33.46 -30.52
C VAL C 174 -3.42 -32.15 -29.81
N ASP C 175 -2.49 -31.22 -29.97
CA ASP C 175 -2.58 -29.90 -29.36
C ASP C 175 -3.39 -28.98 -30.25
N LEU C 176 -4.04 -27.99 -29.64
CA LEU C 176 -4.87 -27.04 -30.37
C LEU C 176 -4.39 -25.61 -30.20
N TYR C 177 -4.06 -24.95 -31.31
CA TYR C 177 -3.59 -23.57 -31.31
C TYR C 177 -4.65 -22.68 -31.85
N TYR C 178 -4.97 -21.61 -31.11
CA TYR C 178 -5.98 -20.64 -31.55
C TYR C 178 -5.70 -19.30 -30.93
N LEU C 179 -6.43 -18.28 -31.37
CA LEU C 179 -6.31 -16.95 -30.77
C LEU C 179 -7.59 -16.54 -30.07
N SER C 180 -7.44 -15.72 -29.03
CA SER C 180 -8.59 -15.14 -28.35
C SER C 180 -8.37 -13.64 -28.22
N ALA C 181 -9.44 -12.90 -27.93
CA ALA C 181 -9.35 -11.46 -27.84
C ALA C 181 -10.25 -10.88 -26.79
N ILE C 182 -9.71 -9.90 -26.06
CA ILE C 182 -10.43 -9.15 -25.02
C ILE C 182 -10.21 -7.67 -25.28
N THR C 183 -11.00 -6.80 -24.63
CA THR C 183 -10.78 -5.36 -24.78
C THR C 183 -10.02 -4.79 -23.58
N GLN C 184 -9.40 -3.63 -23.79
CA GLN C 184 -8.76 -2.80 -22.78
C GLN C 184 -9.63 -1.53 -22.62
N ARG C 185 -9.59 -0.90 -21.43
CA ARG C 185 -10.36 0.34 -21.18
C ARG C 185 -9.61 1.52 -21.79
N LYS C 186 -9.50 1.50 -23.12
CA LYS C 186 -8.78 2.52 -23.87
C LYS C 186 -9.45 2.68 -25.23
N ARG C 187 -9.76 3.92 -25.57
CA ARG C 187 -10.41 4.24 -26.83
C ARG C 187 -9.71 5.42 -27.48
N VAL C 188 -9.76 5.46 -28.82
CA VAL C 188 -9.15 6.51 -29.63
C VAL C 188 -10.25 7.18 -30.43
N ILE C 189 -10.20 8.52 -30.54
CA ILE C 189 -11.15 9.29 -31.36
C ILE C 189 -10.30 10.01 -32.40
N VAL C 190 -10.63 9.84 -33.69
CA VAL C 190 -9.88 10.50 -34.76
C VAL C 190 -10.84 11.18 -35.73
N PRO C 191 -10.45 12.29 -36.38
CA PRO C 191 -11.34 12.87 -37.42
C PRO C 191 -11.40 11.89 -38.59
N SER C 192 -12.53 11.89 -39.31
CA SER C 192 -12.76 11.01 -40.47
C SER C 192 -11.66 11.09 -41.53
N SER C 193 -11.08 12.28 -41.74
CA SER C 193 -9.99 12.55 -42.70
C SER C 193 -8.71 11.75 -42.41
N ASN C 194 -8.42 11.48 -41.11
CA ASN C 194 -7.25 10.72 -40.66
C ASN C 194 -7.59 9.26 -40.29
N ALA C 195 -8.89 8.88 -40.37
CA ALA C 195 -9.34 7.54 -40.04
C ALA C 195 -8.99 6.57 -41.17
N VAL C 196 -8.36 5.45 -40.81
CA VAL C 196 -8.02 4.40 -41.79
C VAL C 196 -8.89 3.16 -41.52
N THR C 197 -9.00 2.23 -42.49
CA THR C 197 -9.77 1.01 -42.38
C THR C 197 -9.25 0.16 -41.22
N PRO C 198 -10.04 -0.08 -40.17
CA PRO C 198 -9.51 -0.87 -39.04
C PRO C 198 -9.34 -2.33 -39.41
N LEU C 199 -8.43 -2.98 -38.70
CA LEU C 199 -8.22 -4.41 -38.85
C LEU C 199 -9.45 -5.08 -38.25
N ASP C 200 -9.90 -6.17 -38.87
CA ASP C 200 -11.05 -6.92 -38.36
C ASP C 200 -10.50 -8.23 -37.77
N TRP C 201 -11.30 -8.91 -36.95
CA TRP C 201 -10.91 -10.15 -36.27
C TRP C 201 -10.52 -11.29 -37.22
N ASP C 202 -11.07 -11.32 -38.46
CA ASP C 202 -10.73 -12.37 -39.41
C ASP C 202 -9.34 -12.15 -39.98
N THR C 203 -9.01 -10.89 -40.39
CA THR C 203 -7.70 -10.51 -40.90
C THR C 203 -6.63 -10.74 -39.83
N VAL C 204 -6.93 -10.39 -38.57
CA VAL C 204 -5.99 -10.55 -37.45
C VAL C 204 -5.61 -12.02 -37.27
N GLN C 205 -6.59 -12.89 -37.18
CA GLN C 205 -6.38 -14.35 -37.00
C GLN C 205 -5.60 -14.95 -38.18
N ARG C 206 -5.97 -14.55 -39.43
CA ARG C 206 -5.30 -15.05 -40.61
CA ARG C 206 -5.30 -15.04 -40.63
C ARG C 206 -3.83 -14.68 -40.63
N ASN C 207 -3.53 -13.40 -40.34
CA ASN C 207 -2.17 -12.93 -40.41
C ASN C 207 -1.33 -13.27 -39.19
N VAL C 208 -1.91 -13.24 -37.99
CA VAL C 208 -1.16 -13.54 -36.75
C VAL C 208 -0.96 -15.05 -36.58
N LEU C 209 -2.04 -15.83 -36.61
CA LEU C 209 -1.92 -17.27 -36.42
C LEU C 209 -1.59 -18.04 -37.71
N MET C 210 -2.41 -17.90 -38.77
CA MET C 210 -2.24 -18.72 -39.98
C MET C 210 -0.95 -18.47 -40.76
N GLU C 211 -0.58 -17.18 -40.99
CA GLU C 211 0.63 -16.83 -41.73
C GLU C 211 1.86 -16.61 -40.85
N ASN C 212 1.69 -16.42 -39.52
CA ASN C 212 2.86 -16.07 -38.73
C ASN C 212 3.16 -16.95 -37.51
N TYR C 213 2.71 -18.19 -37.52
CA TYR C 213 3.05 -19.12 -36.43
C TYR C 213 3.07 -20.54 -36.94
N ASN C 214 4.21 -21.22 -36.74
CA ASN C 214 4.46 -22.60 -37.16
C ASN C 214 4.53 -23.50 -35.90
N PRO C 215 3.47 -24.27 -35.58
CA PRO C 215 3.52 -25.12 -34.38
C PRO C 215 4.65 -26.16 -34.38
N GLY C 216 5.03 -26.66 -35.55
CA GLY C 216 6.10 -27.66 -35.65
C GLY C 216 7.42 -27.24 -35.02
N SER C 217 7.78 -25.96 -35.19
CA SER C 217 9.05 -25.41 -34.74
C SER C 217 8.89 -24.31 -33.68
N ASN C 218 7.64 -23.99 -33.29
CA ASN C 218 7.30 -22.90 -32.35
C ASN C 218 7.98 -21.60 -32.86
N SER C 219 7.92 -21.39 -34.17
CA SER C 219 8.56 -20.25 -34.83
C SER C 219 7.53 -19.42 -35.60
N GLY C 220 7.95 -18.26 -36.07
CA GLY C 220 7.10 -17.34 -36.81
C GLY C 220 7.35 -15.94 -36.32
N HIS C 221 6.29 -15.13 -36.15
CA HIS C 221 6.46 -13.77 -35.62
C HIS C 221 6.50 -13.78 -34.08
N PHE C 222 6.16 -14.92 -33.46
CA PHE C 222 6.21 -15.07 -32.00
C PHE C 222 6.44 -16.53 -31.67
N SER C 223 6.82 -16.80 -30.43
CA SER C 223 7.04 -18.15 -29.92
C SER C 223 6.45 -18.25 -28.52
N PHE C 224 5.90 -19.43 -28.17
CA PHE C 224 5.47 -19.66 -26.79
C PHE C 224 6.71 -19.96 -25.96
N ASP C 225 6.68 -19.56 -24.68
CA ASP C 225 7.72 -19.87 -23.73
C ASP C 225 7.18 -21.04 -22.84
N TRP C 226 7.58 -22.27 -23.19
CA TRP C 226 7.10 -23.48 -22.50
C TRP C 226 7.57 -23.58 -21.06
N SER C 227 8.61 -22.81 -20.66
CA SER C 227 9.13 -22.81 -19.27
C SER C 227 8.09 -22.37 -18.25
N ALA C 228 6.99 -21.75 -18.72
CA ALA C 228 5.85 -21.38 -17.88
C ALA C 228 5.38 -22.61 -17.07
N TYR C 229 5.42 -23.83 -17.69
CA TYR C 229 5.01 -25.07 -17.02
C TYR C 229 5.78 -25.35 -15.72
N ASN C 230 7.05 -24.95 -15.68
CA ASN C 230 7.93 -25.20 -14.52
C ASN C 230 8.10 -24.01 -13.60
N ASP C 231 7.46 -22.88 -13.92
CA ASP C 231 7.60 -21.67 -13.11
C ASP C 231 6.36 -21.47 -12.25
N PRO C 232 6.44 -21.69 -10.91
CA PRO C 232 5.23 -21.62 -10.09
C PRO C 232 4.41 -20.33 -10.21
N HIS C 233 5.05 -19.15 -10.26
CA HIS C 233 4.31 -17.88 -10.28
C HIS C 233 3.56 -17.66 -11.59
N ARG C 234 3.91 -18.42 -12.65
CA ARG C 234 3.24 -18.31 -13.97
C ARG C 234 2.18 -19.38 -14.22
N ARG C 235 1.92 -20.21 -13.21
CA ARG C 235 0.92 -21.26 -13.26
C ARG C 235 -0.27 -20.74 -12.47
N TYR C 236 -1.32 -20.31 -13.17
CA TYR C 236 -2.49 -19.69 -12.53
C TYR C 236 -3.57 -20.68 -12.10
N SER D 1 12.53 -30.36 24.05
CA SER D 1 13.48 -29.71 23.15
C SER D 1 13.07 -29.92 21.69
N GLY D 2 13.45 -28.98 20.81
CA GLY D 2 13.11 -29.01 19.39
C GLY D 2 11.61 -29.00 19.23
N ARG D 3 11.06 -30.05 18.57
CA ARG D 3 9.63 -30.23 18.38
C ARG D 3 8.91 -28.89 18.21
N PHE D 4 9.23 -28.18 17.11
CA PHE D 4 8.64 -26.88 16.83
C PHE D 4 7.15 -26.97 16.51
N ASP D 5 6.61 -28.22 16.41
CA ASP D 5 5.17 -28.46 16.28
C ASP D 5 4.43 -28.04 17.57
N GLN D 6 5.16 -27.85 18.70
CA GLN D 6 4.53 -27.42 19.96
C GLN D 6 4.09 -25.94 19.95
N TYR D 7 4.69 -25.11 19.07
CA TYR D 7 4.41 -23.69 19.03
C TYR D 7 3.16 -23.34 18.23
N PRO D 8 2.33 -22.39 18.74
CA PRO D 8 1.12 -22.00 18.01
C PRO D 8 1.46 -21.06 16.85
N THR D 9 0.44 -20.73 16.05
CA THR D 9 0.57 -19.80 14.92
C THR D 9 -0.22 -18.53 15.28
N LYS D 10 0.43 -17.38 15.05
CA LYS D 10 -0.12 -16.07 15.38
C LYS D 10 -0.08 -15.18 14.14
N LYS D 11 -1.12 -14.36 13.94
CA LYS D 11 -1.20 -13.44 12.82
C LYS D 11 -1.26 -12.01 13.35
N GLY D 12 -0.20 -11.24 13.15
CA GLY D 12 -0.14 -9.83 13.53
C GLY D 12 0.29 -9.57 14.96
N ASP D 13 0.68 -8.31 15.23
CA ASP D 13 1.15 -7.85 16.54
C ASP D 13 0.16 -8.05 17.67
N PHE D 14 -1.16 -7.83 17.41
CA PHE D 14 -2.16 -8.05 18.47
C PHE D 14 -2.14 -9.53 18.92
N ALA D 15 -2.02 -10.47 17.96
CA ALA D 15 -1.98 -11.90 18.28
C ALA D 15 -0.71 -12.28 19.01
N ILE D 16 0.45 -11.71 18.58
CA ILE D 16 1.72 -11.96 19.24
C ILE D 16 1.67 -11.42 20.69
N ASP D 17 1.11 -10.21 20.88
CA ASP D 17 0.92 -9.62 22.22
C ASP D 17 0.05 -10.54 23.09
N GLY D 18 -1.03 -11.08 22.53
CA GLY D 18 -1.93 -12.02 23.19
C GLY D 18 -1.19 -13.24 23.73
N TYR D 19 -0.25 -13.75 22.93
CA TYR D 19 0.58 -14.89 23.31
C TYR D 19 1.55 -14.52 24.45
N LEU D 20 2.20 -13.37 24.33
CA LEU D 20 3.17 -12.97 25.36
C LEU D 20 2.52 -12.49 26.65
N LEU D 21 1.29 -11.98 26.57
CA LEU D 21 0.55 -11.45 27.74
C LEU D 21 -0.26 -12.52 28.48
N ASP D 22 -0.13 -13.78 28.02
CA ASP D 22 -0.71 -14.92 28.69
C ASP D 22 0.39 -15.46 29.61
N TYR D 23 0.39 -15.04 30.89
CA TYR D 23 1.41 -15.47 31.85
C TYR D 23 1.06 -16.79 32.56
N SER D 24 0.03 -17.53 32.07
CA SER D 24 -0.34 -18.83 32.66
C SER D 24 0.73 -19.91 32.44
N SER D 25 1.58 -19.74 31.40
CA SER D 25 2.66 -20.67 31.11
C SER D 25 3.86 -19.92 30.45
N PRO D 26 5.12 -20.41 30.59
CA PRO D 26 6.25 -19.71 29.94
C PRO D 26 6.13 -19.74 28.42
N LYS D 27 6.61 -18.69 27.75
CA LYS D 27 6.54 -18.60 26.28
C LYS D 27 7.94 -18.48 25.69
N GLN D 28 8.19 -19.13 24.53
CA GLN D 28 9.49 -19.06 23.85
C GLN D 28 9.38 -18.45 22.44
N GLY D 29 8.34 -18.84 21.71
CA GLY D 29 8.20 -18.40 20.33
C GLY D 29 6.94 -18.93 19.67
N CYS D 30 6.67 -18.43 18.50
CA CYS D 30 5.47 -18.79 17.77
C CYS D 30 5.71 -18.69 16.29
N TRP D 31 4.98 -19.51 15.53
CA TRP D 31 4.98 -19.42 14.08
C TRP D 31 4.17 -18.18 13.75
N VAL D 32 4.54 -17.49 12.67
CA VAL D 32 3.86 -16.26 12.28
C VAL D 32 3.20 -16.49 10.93
N ASP D 33 1.91 -16.14 10.82
CA ASP D 33 1.14 -16.22 9.58
C ASP D 33 1.27 -14.82 8.97
N GLY D 34 2.10 -14.69 7.95
CA GLY D 34 2.34 -13.42 7.30
C GLY D 34 2.26 -13.54 5.79
N ILE D 35 2.19 -12.39 5.10
CA ILE D 35 2.11 -12.35 3.64
C ILE D 35 3.48 -12.56 2.97
N THR D 36 3.47 -12.92 1.69
CA THR D 36 4.70 -13.03 0.91
C THR D 36 4.81 -11.75 0.05
N VAL D 37 6.01 -11.18 0.00
CA VAL D 37 6.32 -10.02 -0.87
C VAL D 37 7.43 -10.40 -1.84
N TYR D 38 7.66 -9.55 -2.87
CA TYR D 38 8.72 -9.83 -3.85
C TYR D 38 9.46 -8.55 -4.15
N GLY D 39 10.78 -8.65 -4.15
CA GLY D 39 11.68 -7.54 -4.47
C GLY D 39 13.13 -7.93 -4.29
N ASP D 40 14.02 -6.97 -4.55
CA ASP D 40 15.45 -7.18 -4.44
C ASP D 40 15.98 -7.39 -3.04
N ILE D 41 16.94 -8.31 -2.95
CA ILE D 41 17.82 -8.53 -1.82
C ILE D 41 19.23 -8.73 -2.41
N TYR D 42 20.21 -8.04 -1.84
CA TYR D 42 21.59 -8.13 -2.24
C TYR D 42 22.28 -9.26 -1.49
N ILE D 43 22.81 -10.26 -2.23
CA ILE D 43 23.52 -11.38 -1.63
C ILE D 43 24.78 -11.65 -2.48
N GLY D 44 25.94 -11.57 -1.84
CA GLY D 44 27.22 -11.84 -2.47
C GLY D 44 27.71 -10.72 -3.34
N LYS D 45 27.34 -10.75 -4.62
CA LYS D 45 27.83 -9.79 -5.61
C LYS D 45 26.77 -8.99 -6.34
N GLN D 46 25.46 -9.30 -6.14
CA GLN D 46 24.37 -8.63 -6.85
C GLN D 46 23.04 -8.71 -6.12
N ASN D 47 22.05 -7.98 -6.64
CA ASN D 47 20.67 -8.07 -6.19
C ASN D 47 20.05 -9.29 -6.86
N TRP D 48 19.15 -9.94 -6.14
CA TRP D 48 18.36 -11.09 -6.60
C TRP D 48 16.90 -10.80 -6.31
N GLY D 49 16.02 -11.19 -7.24
CA GLY D 49 14.57 -11.07 -7.07
C GLY D 49 14.17 -12.12 -6.05
N THR D 50 13.73 -11.67 -4.87
CA THR D 50 13.48 -12.57 -3.75
C THR D 50 12.06 -12.51 -3.20
N TYR D 51 11.49 -13.69 -2.89
CA TYR D 51 10.18 -13.79 -2.21
C TYR D 51 10.50 -13.82 -0.70
N THR D 52 9.80 -13.01 0.09
CA THR D 52 10.06 -12.95 1.54
C THR D 52 8.75 -13.05 2.26
N ARG D 53 8.69 -13.81 3.36
CA ARG D 53 7.49 -13.82 4.19
C ARG D 53 7.90 -14.02 5.64
N PRO D 54 7.15 -13.45 6.62
CA PRO D 54 7.48 -13.73 8.03
C PRO D 54 7.11 -15.19 8.32
N VAL D 55 7.90 -15.86 9.18
CA VAL D 55 7.60 -17.25 9.52
C VAL D 55 7.62 -17.56 10.99
N PHE D 56 8.42 -16.81 11.79
CA PHE D 56 8.55 -17.15 13.20
C PHE D 56 8.86 -15.93 14.03
N ALA D 57 8.56 -15.99 15.33
CA ALA D 57 8.91 -14.88 16.23
C ALA D 57 9.33 -15.54 17.51
N TYR D 58 10.45 -15.11 18.09
CA TYR D 58 10.91 -15.73 19.33
C TYR D 58 11.57 -14.74 20.25
N LEU D 59 11.77 -15.16 21.51
CA LEU D 59 12.37 -14.27 22.49
C LEU D 59 13.86 -14.59 22.59
N GLN D 60 14.70 -13.60 22.29
CA GLN D 60 16.14 -13.85 22.44
C GLN D 60 16.66 -13.27 23.73
N TYR D 61 17.56 -14.00 24.38
CA TYR D 61 18.16 -13.62 25.66
C TYR D 61 18.88 -12.27 25.61
N VAL D 62 18.64 -11.41 26.63
CA VAL D 62 19.32 -10.13 26.77
C VAL D 62 20.22 -10.24 28.03
N GLU D 63 19.62 -10.44 29.21
CA GLU D 63 20.38 -10.58 30.46
C GLU D 63 19.51 -11.06 31.62
N THR D 64 20.17 -11.36 32.75
CA THR D 64 19.53 -11.79 33.98
C THR D 64 19.97 -10.85 35.08
N ILE D 65 19.05 -10.48 35.96
CA ILE D 65 19.37 -9.57 37.07
C ILE D 65 18.64 -10.02 38.34
N SER D 66 19.36 -10.00 39.48
CA SER D 66 18.80 -10.31 40.79
CA SER D 66 18.79 -10.31 40.79
C SER D 66 18.81 -9.01 41.58
N ILE D 67 17.68 -8.66 42.22
CA ILE D 67 17.55 -7.39 42.98
C ILE D 67 17.16 -7.73 44.40
N PRO D 68 17.82 -7.14 45.43
CA PRO D 68 17.46 -7.51 46.81
C PRO D 68 16.13 -6.90 47.26
N GLN D 69 15.61 -7.43 48.38
CA GLN D 69 14.40 -6.93 49.04
C GLN D 69 14.63 -5.44 49.37
N ASN D 70 13.57 -4.62 49.26
CA ASN D 70 13.59 -3.19 49.58
C ASN D 70 14.49 -2.34 48.66
N VAL D 71 14.88 -2.88 47.49
CA VAL D 71 15.69 -2.13 46.54
C VAL D 71 14.87 -1.85 45.27
N THR D 72 14.83 -0.58 44.87
CA THR D 72 14.24 -0.12 43.60
C THR D 72 15.39 0.49 42.81
N THR D 73 15.53 0.11 41.53
CA THR D 73 16.61 0.63 40.69
C THR D 73 16.15 0.77 39.26
N THR D 74 16.72 1.75 38.55
CA THR D 74 16.43 1.91 37.13
C THR D 74 17.53 1.13 36.41
N LEU D 75 17.19 -0.05 35.90
CA LEU D 75 18.16 -0.90 35.22
C LEU D 75 18.33 -0.47 33.78
N SER D 76 19.59 -0.31 33.31
CA SER D 76 19.94 -0.01 31.93
C SER D 76 20.44 -1.33 31.32
N TYR D 77 20.00 -1.64 30.11
CA TYR D 77 20.41 -2.87 29.40
C TYR D 77 20.44 -2.56 27.92
N GLN D 78 21.19 -3.38 27.17
CA GLN D 78 21.34 -3.14 25.74
C GLN D 78 20.34 -3.94 24.92
N LEU D 79 19.59 -3.25 24.06
CA LEU D 79 18.69 -3.90 23.09
C LEU D 79 19.30 -3.59 21.74
N THR D 80 18.80 -4.23 20.68
CA THR D 80 19.33 -3.97 19.35
C THR D 80 18.22 -3.66 18.36
N LYS D 81 18.57 -2.95 17.30
CA LYS D 81 17.66 -2.64 16.20
C LYS D 81 18.31 -3.12 14.91
N GLY D 82 17.48 -3.42 13.91
CA GLY D 82 17.91 -3.93 12.60
C GLY D 82 18.07 -5.43 12.63
N HIS D 83 18.91 -5.99 11.74
CA HIS D 83 19.15 -7.43 11.79
C HIS D 83 19.74 -7.83 13.17
N THR D 84 19.45 -9.05 13.64
CA THR D 84 19.97 -9.49 14.94
C THR D 84 21.50 -9.69 14.88
N ARG D 85 22.17 -9.61 16.05
CA ARG D 85 23.62 -9.85 16.14
C ARG D 85 23.91 -11.29 15.67
N SER D 86 23.06 -12.26 16.08
CA SER D 86 23.21 -13.66 15.67
C SER D 86 23.11 -13.81 14.14
N PHE D 87 22.15 -13.13 13.47
CA PHE D 87 22.05 -13.22 12.01
C PHE D 87 23.33 -12.67 11.37
N GLU D 88 23.76 -11.46 11.77
CA GLU D 88 24.99 -10.82 11.24
C GLU D 88 26.23 -11.68 11.40
N THR D 89 26.39 -12.33 12.56
CA THR D 89 27.52 -13.21 12.88
C THR D 89 27.49 -14.47 11.99
N SER D 90 26.29 -15.00 11.71
CA SER D 90 26.09 -16.21 10.92
C SER D 90 26.27 -16.07 9.39
N VAL D 91 25.97 -14.90 8.80
CA VAL D 91 26.08 -14.69 7.34
CA VAL D 91 26.07 -14.69 7.35
C VAL D 91 27.54 -14.66 6.90
N ASN D 92 27.85 -15.33 5.78
CA ASN D 92 29.20 -15.41 5.26
C ASN D 92 29.45 -14.43 4.10
N ALA D 93 28.40 -14.10 3.35
CA ALA D 93 28.50 -13.22 2.19
C ALA D 93 28.08 -11.79 2.49
N LYS D 94 28.39 -10.86 1.56
CA LYS D 94 27.92 -9.48 1.65
C LYS D 94 26.37 -9.58 1.55
N TYR D 95 25.65 -8.89 2.45
CA TYR D 95 24.19 -9.00 2.51
C TYR D 95 23.56 -7.67 2.88
N SER D 96 22.54 -7.25 2.11
CA SER D 96 21.80 -6.02 2.39
CA SER D 96 21.82 -6.00 2.34
C SER D 96 20.43 -6.00 1.73
N VAL D 97 19.50 -5.27 2.36
CA VAL D 97 18.16 -5.12 1.82
C VAL D 97 17.71 -3.67 2.01
N GLY D 98 17.07 -3.14 0.96
CA GLY D 98 16.50 -1.81 0.97
C GLY D 98 15.36 -1.71 1.98
N ALA D 99 15.10 -0.50 2.48
CA ALA D 99 14.06 -0.28 3.47
C ALA D 99 12.62 -0.62 3.01
N ASN D 100 12.34 -0.63 1.68
CA ASN D 100 10.99 -0.86 1.16
C ASN D 100 10.48 -2.30 1.37
N ILE D 101 11.34 -3.23 1.81
CA ILE D 101 10.90 -4.60 2.09
C ILE D 101 9.89 -4.58 3.25
N ASP D 102 9.89 -3.49 4.07
CA ASP D 102 9.00 -3.39 5.22
C ASP D 102 7.51 -3.48 4.86
N ILE D 103 7.14 -3.44 3.56
CA ILE D 103 5.74 -3.69 3.15
C ILE D 103 5.33 -5.12 3.64
N VAL D 104 6.31 -6.04 3.83
CA VAL D 104 6.04 -7.40 4.32
C VAL D 104 5.45 -7.31 5.74
N ASN D 105 5.94 -6.36 6.54
CA ASN D 105 5.49 -6.18 7.92
C ASN D 105 4.14 -5.50 7.97
N VAL D 106 3.99 -4.41 7.21
CA VAL D 106 2.72 -3.70 7.13
C VAL D 106 1.61 -4.64 6.65
N GLY D 107 1.88 -5.45 5.62
CA GLY D 107 0.90 -6.37 5.08
C GLY D 107 0.54 -7.51 6.02
N SER D 108 1.47 -7.87 6.92
CA SER D 108 1.29 -8.94 7.93
C SER D 108 0.83 -8.37 9.30
N GLU D 109 0.51 -7.06 9.37
CA GLU D 109 0.03 -6.38 10.59
C GLU D 109 1.09 -6.43 11.73
N ILE D 110 2.37 -6.30 11.33
CA ILE D 110 3.53 -6.28 12.23
C ILE D 110 4.20 -4.93 12.05
N SER D 111 4.66 -4.32 13.14
CA SER D 111 5.39 -3.06 13.12
C SER D 111 6.68 -3.31 13.89
N THR D 112 7.84 -2.90 13.34
CA THR D 112 9.10 -3.13 14.06
C THR D 112 9.27 -2.19 15.26
N GLY D 113 8.69 -0.99 15.18
CA GLY D 113 8.83 0.04 16.20
C GLY D 113 10.10 0.84 16.02
N PHE D 114 10.84 0.56 14.94
CA PHE D 114 12.05 1.28 14.62
C PHE D 114 11.82 2.11 13.35
N THR D 115 12.74 3.06 13.06
CA THR D 115 12.53 3.92 11.88
C THR D 115 12.73 3.12 10.58
N ARG D 116 12.18 3.67 9.49
CA ARG D 116 12.29 3.09 8.15
C ARG D 116 13.75 2.73 7.78
N SER D 117 14.71 3.60 8.10
CA SER D 117 16.12 3.33 7.76
C SER D 117 16.82 2.34 8.72
N GLU D 118 16.22 2.08 9.89
CA GLU D 118 16.78 1.22 10.94
C GLU D 118 16.34 -0.25 10.89
N SER D 119 15.07 -0.47 10.57
CA SER D 119 14.40 -1.77 10.69
C SER D 119 15.09 -2.96 10.05
N TRP D 120 15.65 -2.75 8.84
CA TRP D 120 16.26 -3.83 8.05
C TRP D 120 17.74 -3.53 7.79
N SER D 121 18.33 -2.63 8.57
CA SER D 121 19.73 -2.27 8.42
C SER D 121 20.64 -3.21 9.25
N THR D 122 21.91 -2.83 9.41
CA THR D 122 22.86 -3.59 10.21
C THR D 122 22.50 -3.48 11.70
N THR D 123 22.97 -4.44 12.52
CA THR D 123 22.74 -4.45 13.97
C THR D 123 23.30 -3.17 14.61
N GLN D 124 22.45 -2.52 15.42
CA GLN D 124 22.81 -1.31 16.16
CA GLN D 124 22.82 -1.32 16.16
C GLN D 124 22.26 -1.46 17.57
N SER D 125 23.14 -1.36 18.57
CA SER D 125 22.78 -1.46 19.97
CA SER D 125 22.76 -1.47 19.97
C SER D 125 22.20 -0.13 20.45
N PHE D 126 21.30 -0.17 21.44
CA PHE D 126 20.74 1.02 22.06
C PHE D 126 20.37 0.69 23.49
N THR D 127 20.46 1.70 24.36
CA THR D 127 20.18 1.54 25.78
C THR D 127 18.69 1.67 26.05
N ASP D 128 18.14 0.71 26.79
CA ASP D 128 16.76 0.76 27.24
C ASP D 128 16.78 0.68 28.77
N THR D 129 15.78 1.28 29.43
CA THR D 129 15.72 1.27 30.90
C THR D 129 14.37 0.84 31.40
N THR D 130 14.36 0.19 32.57
CA THR D 130 13.13 -0.18 33.26
C THR D 130 13.37 -0.05 34.75
N GLU D 131 12.49 0.68 35.44
CA GLU D 131 12.58 0.80 36.89
C GLU D 131 11.99 -0.51 37.44
N MET D 132 12.78 -1.22 38.23
CA MET D 132 12.40 -2.52 38.78
C MET D 132 12.64 -2.56 40.28
N LYS D 133 11.93 -3.43 40.98
CA LYS D 133 12.08 -3.57 42.41
C LYS D 133 12.24 -5.02 42.82
N GLY D 134 13.05 -5.23 43.84
CA GLY D 134 13.26 -6.59 44.34
C GLY D 134 12.19 -6.95 45.36
N PRO D 135 12.27 -8.13 45.98
CA PRO D 135 13.28 -9.19 45.75
C PRO D 135 12.96 -10.01 44.51
N GLY D 136 13.97 -10.63 43.94
CA GLY D 136 13.75 -11.54 42.81
C GLY D 136 14.86 -11.61 41.81
N THR D 137 14.79 -12.63 40.95
CA THR D 137 15.71 -12.82 39.83
C THR D 137 14.84 -12.75 38.59
N PHE D 138 15.24 -11.92 37.64
CA PHE D 138 14.47 -11.64 36.43
C PHE D 138 15.31 -11.83 35.19
N VAL D 139 14.66 -12.29 34.13
CA VAL D 139 15.31 -12.51 32.84
C VAL D 139 14.68 -11.56 31.84
N ILE D 140 15.52 -10.88 31.05
CA ILE D 140 15.10 -9.93 30.03
C ILE D 140 15.33 -10.58 28.67
N TYR D 141 14.33 -10.49 27.78
CA TYR D 141 14.41 -10.99 26.39
C TYR D 141 13.96 -9.92 25.43
N GLN D 142 14.39 -9.99 24.16
CA GLN D 142 13.91 -9.07 23.12
C GLN D 142 13.25 -9.93 22.03
N VAL D 143 12.13 -9.44 21.51
CA VAL D 143 11.41 -10.08 20.39
C VAL D 143 12.23 -10.03 19.11
N VAL D 144 12.35 -11.20 18.48
CA VAL D 144 13.02 -11.39 17.19
C VAL D 144 11.98 -11.83 16.17
N LEU D 145 11.97 -11.16 15.00
CA LEU D 145 11.10 -11.46 13.87
C LEU D 145 11.93 -12.21 12.86
N VAL D 146 11.48 -13.41 12.51
CA VAL D 146 12.17 -14.33 11.57
C VAL D 146 11.43 -14.40 10.24
N TYR D 147 12.18 -14.27 9.13
CA TYR D 147 11.62 -14.33 7.79
C TYR D 147 12.26 -15.45 7.00
N ALA D 148 11.49 -16.03 6.08
CA ALA D 148 11.97 -17.03 5.12
C ALA D 148 12.07 -16.33 3.77
N HIS D 149 13.07 -16.70 3.00
CA HIS D 149 13.31 -16.07 1.71
C HIS D 149 13.61 -17.10 0.64
N ASN D 150 13.21 -16.81 -0.59
CA ASN D 150 13.58 -17.58 -1.79
C ASN D 150 14.23 -16.52 -2.70
N ALA D 151 15.57 -16.43 -2.67
CA ALA D 151 16.31 -15.53 -3.56
C ALA D 151 16.46 -16.28 -4.88
N THR D 152 15.56 -15.95 -5.84
CA THR D 152 15.49 -16.66 -7.12
C THR D 152 16.80 -16.55 -7.88
N SER D 153 17.24 -17.69 -8.48
CA SER D 153 18.50 -17.79 -9.27
C SER D 153 19.82 -17.62 -8.44
N ALA D 154 19.74 -17.31 -7.12
CA ALA D 154 20.93 -17.06 -6.32
C ALA D 154 21.73 -18.30 -5.87
N GLY D 155 21.14 -19.48 -6.05
CA GLY D 155 21.68 -20.74 -5.55
C GLY D 155 22.97 -21.28 -6.13
N ARG D 156 23.30 -20.95 -7.40
CA ARG D 156 24.57 -21.41 -8.02
C ARG D 156 25.76 -20.66 -7.46
N GLN D 157 25.62 -19.34 -7.26
CA GLN D 157 26.71 -18.51 -6.77
C GLN D 157 26.75 -18.33 -5.26
N ASN D 158 25.63 -18.57 -4.56
CA ASN D 158 25.57 -18.29 -3.13
C ASN D 158 25.13 -19.47 -2.26
N ALA D 159 25.52 -20.71 -2.64
CA ALA D 159 25.20 -21.92 -1.88
C ALA D 159 25.84 -21.92 -0.47
N ASN D 160 26.87 -21.11 -0.24
CA ASN D 160 27.54 -21.04 1.07
C ASN D 160 27.40 -19.68 1.76
N ALA D 161 26.48 -18.82 1.26
CA ALA D 161 26.29 -17.49 1.81
C ALA D 161 25.78 -17.51 3.26
N PHE D 162 24.90 -18.49 3.58
CA PHE D 162 24.25 -18.56 4.88
C PHE D 162 24.70 -19.77 5.71
N ALA D 163 24.56 -19.67 7.06
CA ALA D 163 24.89 -20.74 7.99
C ALA D 163 24.01 -21.97 7.72
N TYR D 164 22.75 -21.72 7.32
CA TYR D 164 21.75 -22.73 6.97
C TYR D 164 21.01 -22.25 5.73
N SER D 165 20.90 -23.15 4.73
CA SER D 165 20.19 -22.83 3.49
C SER D 165 19.86 -24.10 2.74
N LYS D 166 18.97 -23.99 1.76
CA LYS D 166 18.59 -25.04 0.84
C LYS D 166 18.51 -24.44 -0.56
N THR D 167 19.06 -25.12 -1.54
CA THR D 167 18.90 -24.68 -2.92
C THR D 167 17.84 -25.58 -3.57
N GLN D 168 17.10 -25.02 -4.54
CA GLN D 168 16.07 -25.76 -5.25
C GLN D 168 16.18 -25.47 -6.73
N ALA D 169 16.12 -26.51 -7.57
CA ALA D 169 16.19 -26.32 -9.01
C ALA D 169 14.81 -26.04 -9.57
N VAL D 170 14.70 -25.02 -10.42
CA VAL D 170 13.45 -24.64 -11.08
C VAL D 170 13.85 -24.64 -12.54
N GLY D 171 13.51 -25.71 -13.25
CA GLY D 171 13.98 -25.88 -14.62
C GLY D 171 15.50 -25.87 -14.60
N SER D 172 16.12 -24.85 -15.26
CA SER D 172 17.57 -24.68 -15.32
C SER D 172 18.16 -23.62 -14.38
N ARG D 173 17.34 -22.99 -13.53
CA ARG D 173 17.90 -22.02 -12.60
C ARG D 173 17.97 -22.67 -11.21
N VAL D 174 18.69 -22.06 -10.26
CA VAL D 174 18.84 -22.60 -8.91
C VAL D 174 18.46 -21.50 -7.90
N ASP D 175 17.43 -21.76 -7.12
CA ASP D 175 16.94 -20.82 -6.11
C ASP D 175 17.63 -21.03 -4.78
N LEU D 176 17.69 -19.97 -3.96
CA LEU D 176 18.34 -20.05 -2.65
C LEU D 176 17.32 -19.73 -1.54
N TYR D 177 17.10 -20.71 -0.64
CA TYR D 177 16.18 -20.58 0.48
C TYR D 177 16.98 -20.44 1.75
N TYR D 178 16.71 -19.40 2.51
CA TYR D 178 17.38 -19.14 3.77
C TYR D 178 16.44 -18.33 4.70
N LEU D 179 16.83 -18.17 5.96
CA LEU D 179 16.11 -17.34 6.93
C LEU D 179 16.94 -16.12 7.32
N SER D 180 16.26 -15.03 7.68
CA SER D 180 16.90 -13.84 8.24
C SER D 180 16.11 -13.44 9.47
N ALA D 181 16.69 -12.56 10.27
CA ALA D 181 16.03 -12.17 11.53
C ALA D 181 16.38 -10.74 11.87
N ILE D 182 15.39 -10.00 12.32
CA ILE D 182 15.52 -8.61 12.77
C ILE D 182 14.86 -8.51 14.17
N THR D 183 15.10 -7.44 14.90
CA THR D 183 14.41 -7.29 16.17
C THR D 183 13.22 -6.36 16.05
N GLN D 184 12.31 -6.48 17.02
CA GLN D 184 11.18 -5.57 17.19
C GLN D 184 11.50 -4.75 18.46
N ARG D 185 10.94 -3.54 18.58
CA ARG D 185 11.12 -2.68 19.76
C ARG D 185 10.19 -3.20 20.85
N LYS D 186 10.47 -4.40 21.33
CA LYS D 186 9.64 -5.06 22.33
C LYS D 186 10.51 -5.99 23.13
N ARG D 187 10.42 -5.87 24.45
CA ARG D 187 11.18 -6.68 25.36
C ARG D 187 10.28 -7.23 26.47
N VAL D 188 10.64 -8.42 26.98
CA VAL D 188 9.88 -9.10 28.03
C VAL D 188 10.78 -9.22 29.25
N ILE D 189 10.22 -9.01 30.43
CA ILE D 189 10.93 -9.22 31.70
C ILE D 189 10.08 -10.22 32.46
N VAL D 190 10.67 -11.37 32.86
CA VAL D 190 9.95 -12.40 33.61
C VAL D 190 10.76 -12.87 34.82
N PRO D 191 10.09 -13.26 35.94
CA PRO D 191 10.83 -13.86 37.07
C PRO D 191 11.46 -15.18 36.62
N SER D 192 12.62 -15.57 37.20
CA SER D 192 13.34 -16.80 36.83
CA SER D 192 13.33 -16.80 36.82
C SER D 192 12.47 -18.06 36.97
N SER D 193 11.44 -18.00 37.84
CA SER D 193 10.49 -19.08 38.08
C SER D 193 9.48 -19.25 36.90
N ASN D 194 9.23 -18.14 36.16
CA ASN D 194 8.31 -18.09 35.00
C ASN D 194 9.13 -18.12 33.68
N ALA D 195 10.44 -18.40 33.81
CA ALA D 195 11.37 -18.44 32.67
C ALA D 195 11.82 -19.85 32.33
N VAL D 196 12.01 -20.08 31.03
CA VAL D 196 12.53 -21.32 30.47
C VAL D 196 13.73 -20.96 29.58
N THR D 197 14.55 -21.95 29.18
CA THR D 197 15.69 -21.67 28.30
C THR D 197 15.19 -21.16 26.95
N PRO D 198 15.62 -19.94 26.55
CA PRO D 198 15.13 -19.41 25.28
C PRO D 198 15.78 -20.07 24.07
N LEU D 199 15.13 -19.89 22.94
CA LEU D 199 15.62 -20.36 21.67
C LEU D 199 16.76 -19.45 21.23
N ASP D 200 17.63 -19.98 20.39
CA ASP D 200 18.72 -19.22 19.82
C ASP D 200 18.62 -19.38 18.29
N TRP D 201 19.39 -18.59 17.56
CA TRP D 201 19.36 -18.53 16.10
C TRP D 201 19.67 -19.88 15.41
N ASP D 202 20.67 -20.63 15.91
CA ASP D 202 21.04 -21.95 15.37
C ASP D 202 19.87 -22.92 15.46
N THR D 203 19.23 -22.99 16.65
CA THR D 203 18.08 -23.86 16.89
C THR D 203 16.90 -23.46 16.00
N VAL D 204 16.59 -22.17 15.93
CA VAL D 204 15.48 -21.70 15.10
C VAL D 204 15.70 -22.06 13.63
N GLN D 205 16.89 -21.81 13.08
CA GLN D 205 17.15 -22.13 11.66
C GLN D 205 17.04 -23.60 11.39
N ARG D 206 17.69 -24.42 12.26
CA ARG D 206 17.67 -25.88 12.12
CA ARG D 206 17.65 -25.86 12.06
C ARG D 206 16.21 -26.38 12.09
N ASN D 207 15.41 -25.95 13.07
CA ASN D 207 14.02 -26.44 13.16
C ASN D 207 13.05 -25.86 12.13
N VAL D 208 13.08 -24.54 11.92
CA VAL D 208 12.16 -23.89 10.99
C VAL D 208 12.51 -24.22 9.53
N LEU D 209 13.73 -23.95 9.09
CA LEU D 209 14.08 -24.18 7.67
C LEU D 209 14.46 -25.61 7.34
N MET D 210 15.36 -26.19 8.13
CA MET D 210 15.91 -27.49 7.76
C MET D 210 14.96 -28.63 7.98
N GLU D 211 14.27 -28.65 9.13
N GLU D 211 14.25 -28.64 9.12
CA GLU D 211 13.35 -29.74 9.48
CA GLU D 211 13.35 -29.72 9.48
C GLU D 211 11.88 -29.50 9.13
N ASN D 212 11.41 -28.23 9.10
CA ASN D 212 9.99 -27.90 8.87
C ASN D 212 9.61 -27.20 7.57
N TYR D 213 10.54 -27.02 6.67
CA TYR D 213 10.19 -26.46 5.39
C TYR D 213 10.76 -27.34 4.33
N ASN D 214 9.95 -27.65 3.33
CA ASN D 214 10.34 -28.48 2.24
C ASN D 214 10.23 -27.67 0.94
N PRO D 215 11.34 -27.14 0.37
CA PRO D 215 11.23 -26.34 -0.87
C PRO D 215 10.73 -27.14 -2.06
N GLY D 216 10.90 -28.45 -1.99
CA GLY D 216 10.45 -29.37 -3.04
C GLY D 216 8.96 -29.34 -3.29
N SER D 217 8.18 -29.27 -2.21
CA SER D 217 6.72 -29.24 -2.29
C SER D 217 6.17 -27.87 -1.85
N ASN D 218 7.06 -26.91 -1.45
CA ASN D 218 6.66 -25.62 -0.87
C ASN D 218 5.65 -25.90 0.26
N SER D 219 6.05 -26.80 1.17
CA SER D 219 5.17 -27.17 2.26
C SER D 219 5.98 -27.49 3.52
N GLY D 220 5.26 -27.81 4.56
CA GLY D 220 5.77 -28.07 5.88
C GLY D 220 4.90 -27.22 6.77
N HIS D 221 5.51 -26.50 7.68
CA HIS D 221 4.77 -25.65 8.59
C HIS D 221 4.35 -24.30 7.97
N PHE D 222 4.91 -23.94 6.81
CA PHE D 222 4.53 -22.71 6.10
C PHE D 222 4.77 -22.93 4.62
N SER D 223 4.20 -22.03 3.80
CA SER D 223 4.38 -22.05 2.36
CA SER D 223 4.36 -22.05 2.35
C SER D 223 4.53 -20.62 1.85
N PHE D 224 5.31 -20.45 0.80
CA PHE D 224 5.42 -19.11 0.20
C PHE D 224 4.20 -18.96 -0.71
N ASP D 225 3.73 -17.71 -0.83
CA ASP D 225 2.63 -17.36 -1.72
C ASP D 225 3.25 -16.69 -2.96
N TRP D 226 3.44 -17.49 -4.05
CA TRP D 226 4.08 -17.02 -5.28
C TRP D 226 3.30 -15.91 -6.00
N SER D 227 1.98 -15.76 -5.70
CA SER D 227 1.15 -14.70 -6.31
C SER D 227 1.69 -13.30 -6.03
N ALA D 228 2.62 -13.17 -5.04
CA ALA D 228 3.29 -11.91 -4.69
C ALA D 228 3.94 -11.30 -5.96
N TYR D 229 4.51 -12.15 -6.85
CA TYR D 229 5.12 -11.65 -8.10
C TYR D 229 4.13 -10.89 -8.98
N ASN D 230 2.88 -11.35 -9.02
CA ASN D 230 1.80 -10.84 -9.86
C ASN D 230 0.95 -9.77 -9.16
N ASP D 231 1.41 -9.30 -7.99
CA ASP D 231 0.64 -8.31 -7.22
C ASP D 231 1.47 -7.07 -6.99
N PRO D 232 1.18 -5.96 -7.72
CA PRO D 232 1.97 -4.72 -7.54
C PRO D 232 2.05 -4.24 -6.09
N HIS D 233 0.97 -4.43 -5.31
CA HIS D 233 0.93 -4.02 -3.90
CA HIS D 233 0.91 -4.03 -3.90
C HIS D 233 1.89 -4.82 -3.03
N ARG D 234 2.36 -5.99 -3.52
CA ARG D 234 3.31 -6.81 -2.73
C ARG D 234 4.68 -6.88 -3.37
N ARG D 235 4.96 -5.93 -4.29
CA ARG D 235 6.24 -5.79 -4.96
C ARG D 235 6.85 -4.51 -4.44
N TYR D 236 8.10 -4.58 -3.96
CA TYR D 236 8.78 -3.41 -3.41
C TYR D 236 10.01 -3.01 -4.21
HG HG E . -3.58 15.84 -19.24
HG HG E . -1.66 15.77 -20.28
HG HG F . -0.12 14.75 -11.86
ZN ZN G . -6.40 4.71 3.35
ZN ZN G . -5.31 3.41 5.45
ZN ZN H . -10.12 12.63 -5.45
C ACT I . -9.18 13.74 9.24
O ACT I . -10.41 13.68 9.02
OXT ACT I . -8.42 12.77 9.41
CH3 ACT I . -8.51 15.15 9.28
C ACT J . 0.45 3.96 -18.24
O ACT J . -0.04 5.08 -18.51
OXT ACT J . 0.59 3.49 -17.08
CH3 ACT J . 0.91 3.12 -19.43
HG HG K . -1.11 0.82 31.11
HG HG K . -2.59 -0.77 30.87
HG HG L . -5.75 5.96 26.41
ZN ZN M . -1.97 19.53 11.11
ZN ZN N . 2.31 14.67 24.60
C ACT O . 0.59 18.93 10.76
O ACT O . -0.13 19.54 11.58
OXT ACT O . 0.15 18.38 9.72
CH3 ACT O . 2.12 18.89 10.99
C ACT P . -2.61 20.63 8.77
O ACT P . -3.49 19.81 9.03
OXT ACT P . -1.69 20.92 9.51
CH3 ACT P . -2.69 21.38 7.42
C ACT Q . -0.44 -3.30 19.38
O ACT Q . -0.32 -4.54 19.19
OXT ACT Q . -0.41 -2.72 20.50
CH3 ACT Q . -0.61 -2.41 18.15
C ACT R . -13.25 20.66 10.50
O ACT R . -12.26 21.35 10.14
OXT ACT R . -14.17 21.05 11.27
CH3 ACT R . -13.32 19.22 9.95
HG HG S . -1.13 -1.54 -30.93
HG HG S . -3.23 -0.95 -30.69
HG HG T . -2.15 -8.19 -26.09
ZN ZN U . 8.57 -17.65 -10.93
ZN ZN V . 9.32 -11.31 -24.50
C ACT W . 8.72 -18.88 -8.63
O ACT W . 7.54 -18.71 -8.92
OXT ACT W . 9.65 -18.65 -9.36
CH3 ACT W . 9.03 -19.50 -7.27
C ACT X . 10.37 -15.83 -10.69
O ACT X . 10.06 -16.74 -11.49
OXT ACT X . 9.76 -15.57 -9.64
CH3 ACT X . 11.62 -14.98 -10.99
C ACT Y . -2.60 1.96 -18.98
O ACT Y . -2.37 1.16 -18.04
OXT ACT Y . -2.40 1.71 -20.18
CH3 ACT Y . -3.16 3.35 -18.64
C ACT Z . -0.36 -24.50 -9.95
O ACT Z . 0.83 -24.86 -9.79
OXT ACT Z . -0.87 -23.47 -9.42
CH3 ACT Z . -1.26 -25.37 -10.84
C ACT AA . 11.60 -21.92 -15.58
O ACT AA . 10.61 -22.57 -15.19
OXT ACT AA . 12.61 -22.41 -16.14
CH3 ACT AA . 11.56 -20.39 -15.33
HG HG BA . 5.95 -15.36 19.49
HG HG BA . 7.59 -14.15 20.48
HG HG CA . 7.93 -12.55 12.07
ZN ZN DA . -2.94 -7.51 -3.02
ZN ZN DA . -2.88 -5.93 -5.16
ZN ZN EA . -1.65 -16.11 5.78
C ACT FA . -0.55 -16.66 -8.98
O ACT FA . -0.46 -15.41 -9.09
OXT ACT FA . -1.62 -17.31 -8.85
CH3 ACT FA . 0.78 -17.48 -8.99
C ACT GA . 2.98 -3.06 18.45
O ACT GA . 2.78 -2.66 17.28
OXT ACT GA . 3.18 -4.25 18.76
CH3 ACT GA . 2.97 -2.04 19.58
#